data_1XGV
#
_entry.id   1XGV
#
_cell.length_a   107.569
_cell.length_b   107.569
_cell.length_c   171.143
_cell.angle_alpha   90.00
_cell.angle_beta   90.00
_cell.angle_gamma   90.00
#
_symmetry.space_group_name_H-M   'P 43 21 2'
#
loop_
_entity.id
_entity.type
_entity.pdbx_description
1 polymer 'Isocitrate dehydrogenase'
2 water water
#
_entity_poly.entity_id   1
_entity_poly.type   'polypeptide(L)'
_entity_poly.pdbx_seq_one_letter_code
;MQVMASPPCTTEELSPPPGGSLVEYSGGSLRVPDNPVVAFIRGDGVGPEVVESALKVVDAAVKKVYGGSRRIVWWELLAG
HLAREKCGELLPKATLEGIRLARVALKGPLETPVGTGYRSLNVAIRQALDLYANIRPVRYYGQPAPHKYADRVDMVIFRE
NTEDVYAGIEWPHDSPEAARIRRFLAEEFGISIREDAGIGVKPISRFATRRLMERALEWALRNGNTVVTIMHKGNIMKYT
EGAFMRWAYEVALEKFREHVVTEQEVQEKYGGVRPEGKILVNDRIADNMLQQIITRPWDYQVIVAPNLNGDYISDAASAL
VGGIGMAAGMNMGDGIAVAEPVHGTAPKYAGKDLINPSAEILSASLLIGEFMGWREVKSIVEYAIRKAVQSKKVTQDLAR
HMPGVQPLRTSEYTETLIAYIDEADLNEVLAGKRG
;
_entity_poly.pdbx_strand_id   A,B
#
# COMPACT_ATOMS: atom_id res chain seq x y z
N SER A 6 44.73 4.21 5.23
CA SER A 6 44.39 2.78 4.91
C SER A 6 43.25 2.59 3.88
N PRO A 7 41.98 2.89 4.21
CA PRO A 7 40.88 2.71 3.23
C PRO A 7 41.10 3.59 1.97
N PRO A 8 40.91 3.03 0.77
CA PRO A 8 41.38 3.71 -0.46
C PRO A 8 40.52 4.87 -0.96
N CYS A 9 41.18 5.87 -1.54
CA CYS A 9 40.53 7.04 -2.14
C CYS A 9 40.58 6.92 -3.66
N THR A 10 41.63 6.24 -4.15
CA THR A 10 41.87 6.16 -5.58
C THR A 10 41.87 4.71 -6.05
N THR A 11 41.73 4.55 -7.35
CA THR A 11 41.70 3.25 -7.99
C THR A 11 43.01 2.46 -7.80
N GLU A 12 44.13 3.17 -7.72
CA GLU A 12 45.44 2.55 -7.57
C GLU A 12 45.65 2.02 -6.17
N GLU A 13 44.98 2.66 -5.21
CA GLU A 13 45.08 2.29 -3.81
C GLU A 13 44.32 1.01 -3.49
N LEU A 14 43.41 0.60 -4.38
CA LEU A 14 42.56 -0.56 -4.11
C LEU A 14 43.38 -1.82 -3.88
N SER A 15 43.31 -2.35 -2.66
CA SER A 15 44.02 -3.57 -2.30
C SER A 15 43.26 -4.34 -1.22
N PRO A 16 42.62 -5.43 -1.60
CA PRO A 16 41.86 -6.23 -0.64
C PRO A 16 42.81 -6.69 0.49
N PRO A 17 42.29 -6.81 1.70
CA PRO A 17 43.14 -7.03 2.89
C PRO A 17 43.87 -8.37 2.86
N PRO A 18 44.98 -8.46 3.60
CA PRO A 18 45.78 -9.68 3.62
C PRO A 18 45.00 -10.80 4.27
N GLY A 19 45.21 -12.01 3.76
CA GLY A 19 44.53 -13.20 4.23
C GLY A 19 43.21 -13.48 3.54
N GLY A 20 42.66 -12.50 2.82
CA GLY A 20 41.34 -12.64 2.21
C GLY A 20 41.40 -13.14 0.77
N SER A 21 40.41 -13.93 0.37
CA SER A 21 40.25 -14.38 -1.01
C SER A 21 38.95 -13.80 -1.57
N LEU A 22 39.02 -13.25 -2.77
CA LEU A 22 37.86 -12.61 -3.42
C LEU A 22 36.76 -13.61 -3.79
N VAL A 23 35.51 -13.26 -3.49
CA VAL A 23 34.35 -13.96 -4.00
C VAL A 23 34.40 -13.89 -5.52
N GLU A 24 34.13 -15.01 -6.18
CA GLU A 24 34.07 -15.00 -7.63
C GLU A 24 32.67 -15.22 -8.18
N TYR A 25 32.48 -14.76 -9.40
CA TYR A 25 31.26 -14.93 -10.17
C TYR A 25 31.72 -15.06 -11.59
N SER A 26 31.45 -16.23 -12.16
CA SER A 26 31.91 -16.62 -13.47
C SER A 26 31.00 -17.75 -13.92
N GLY A 27 30.59 -17.72 -15.18
CA GLY A 27 29.61 -18.65 -15.72
C GLY A 27 28.39 -18.85 -14.84
N GLY A 28 27.81 -17.75 -14.34
CA GLY A 28 26.56 -17.77 -13.60
C GLY A 28 26.55 -18.34 -12.20
N SER A 29 27.73 -18.50 -11.59
CA SER A 29 27.84 -19.09 -10.26
C SER A 29 28.69 -18.26 -9.31
N LEU A 30 28.17 -18.01 -8.12
CA LEU A 30 28.94 -17.30 -7.11
C LEU A 30 29.77 -18.32 -6.34
N ARG A 31 31.09 -18.13 -6.37
CA ARG A 31 31.99 -19.00 -5.61
C ARG A 31 32.50 -18.24 -4.41
N VAL A 32 32.09 -18.71 -3.23
CA VAL A 32 32.43 -18.08 -1.98
C VAL A 32 33.47 -18.92 -1.24
N PRO A 33 34.68 -18.40 -1.07
CA PRO A 33 35.73 -19.13 -0.33
C PRO A 33 35.47 -19.09 1.18
N ASP A 34 36.24 -19.86 1.94
CA ASP A 34 36.12 -19.90 3.38
C ASP A 34 36.63 -18.63 4.05
N ASN A 35 37.45 -17.86 3.34
CA ASN A 35 38.05 -16.65 3.88
C ASN A 35 37.70 -15.46 2.98
N PRO A 36 36.42 -15.24 2.75
CA PRO A 36 36.00 -14.30 1.71
C PRO A 36 36.20 -12.84 2.11
N VAL A 37 36.72 -12.05 1.18
CA VAL A 37 36.71 -10.60 1.30
C VAL A 37 35.24 -10.10 1.23
N VAL A 38 34.85 -9.28 2.19
CA VAL A 38 33.58 -8.56 2.13
C VAL A 38 33.84 -7.08 2.41
N ALA A 39 33.42 -6.22 1.49
CA ALA A 39 33.61 -4.78 1.66
C ALA A 39 32.61 -4.28 2.70
N PHE A 40 32.98 -3.25 3.46
CA PHE A 40 32.00 -2.57 4.29
C PHE A 40 32.18 -1.06 4.24
N ILE A 41 31.06 -0.35 4.40
CA ILE A 41 31.03 1.10 4.33
C ILE A 41 30.32 1.56 5.57
N ARG A 42 31.03 2.33 6.39
CA ARG A 42 30.48 2.77 7.66
C ARG A 42 29.31 3.74 7.44
N GLY A 43 29.42 4.63 6.46
CA GLY A 43 28.32 5.54 6.17
C GLY A 43 28.22 6.68 7.16
N ASP A 44 27.00 7.16 7.38
CA ASP A 44 26.74 8.42 8.05
C ASP A 44 25.78 8.30 9.24
N GLY A 45 25.72 9.35 10.06
CA GLY A 45 24.89 9.33 11.25
C GLY A 45 25.19 8.11 12.10
N VAL A 46 24.21 7.25 12.30
CA VAL A 46 24.38 6.04 13.12
C VAL A 46 25.12 4.92 12.37
N GLY A 47 25.31 5.09 11.09
CA GLY A 47 26.00 4.13 10.23
C GLY A 47 27.22 3.46 10.88
N PRO A 48 28.23 4.24 11.26
CA PRO A 48 29.43 3.67 11.90
C PRO A 48 29.10 2.76 13.10
N GLU A 49 28.19 3.21 13.95
CA GLU A 49 27.78 2.45 15.11
C GLU A 49 27.14 1.12 14.76
N VAL A 50 26.12 1.17 13.90
CA VAL A 50 25.41 -0.10 13.60
C VAL A 50 26.29 -1.01 12.70
N VAL A 51 27.14 -0.43 11.84
CA VAL A 51 28.02 -1.26 11.03
C VAL A 51 29.02 -1.95 11.95
N GLU A 52 29.62 -1.19 12.86
CA GLU A 52 30.55 -1.79 13.84
C GLU A 52 29.89 -2.94 14.61
N SER A 53 28.66 -2.74 15.06
CA SER A 53 27.94 -3.81 15.73
C SER A 53 27.77 -5.04 14.84
N ALA A 54 27.34 -4.83 13.61
CA ALA A 54 27.09 -5.91 12.66
C ALA A 54 28.35 -6.75 12.41
N LEU A 55 29.49 -6.10 12.17
CA LEU A 55 30.77 -6.84 11.99
C LEU A 55 31.10 -7.73 13.18
N LYS A 56 30.90 -7.21 14.39
CA LYS A 56 31.24 -8.00 15.59
C LYS A 56 30.29 -9.20 15.76
N VAL A 57 29.00 -8.98 15.55
CA VAL A 57 27.98 -10.00 15.73
C VAL A 57 28.19 -11.09 14.68
N VAL A 58 28.32 -10.68 13.42
CA VAL A 58 28.62 -11.61 12.36
C VAL A 58 29.89 -12.40 12.60
N ASP A 59 30.96 -11.71 13.02
CA ASP A 59 32.19 -12.42 13.32
C ASP A 59 32.00 -13.49 14.37
N ALA A 60 31.24 -13.17 15.42
CA ALA A 60 30.98 -14.15 16.49
C ALA A 60 30.20 -15.30 15.92
N ALA A 61 29.21 -14.97 15.09
CA ALA A 61 28.35 -16.00 14.51
C ALA A 61 29.17 -16.96 13.65
N VAL A 62 30.02 -16.41 12.77
CA VAL A 62 30.80 -17.33 11.90
C VAL A 62 31.79 -18.16 12.64
N LYS A 63 32.42 -17.58 13.66
CA LYS A 63 33.36 -18.34 14.44
C LYS A 63 32.62 -19.48 15.13
N LYS A 64 31.46 -19.18 15.71
CA LYS A 64 30.73 -20.16 16.50
C LYS A 64 30.29 -21.37 15.68
N VAL A 65 29.84 -21.10 14.48
CA VAL A 65 29.06 -22.04 13.71
C VAL A 65 29.98 -22.86 12.80
N TYR A 66 31.13 -22.31 12.44
CA TYR A 66 32.05 -23.05 11.56
C TYR A 66 33.37 -23.37 12.22
N GLY A 67 33.45 -23.08 13.52
CA GLY A 67 34.57 -23.55 14.32
C GLY A 67 35.92 -22.97 13.90
N GLY A 68 35.93 -21.72 13.45
CA GLY A 68 37.18 -21.11 13.03
C GLY A 68 37.70 -21.47 11.65
N SER A 69 37.04 -22.39 10.93
CA SER A 69 37.46 -22.73 9.57
C SER A 69 36.94 -21.74 8.50
N ARG A 70 35.99 -20.88 8.87
CA ARG A 70 35.57 -19.80 7.99
C ARG A 70 35.78 -18.50 8.75
N ARG A 71 36.11 -17.45 8.02
CA ARG A 71 36.29 -16.15 8.62
C ARG A 71 36.11 -15.09 7.55
N ILE A 72 35.29 -14.08 7.83
CA ILE A 72 35.11 -12.96 6.91
C ILE A 72 36.30 -12.03 7.01
N VAL A 73 36.88 -11.67 5.88
CA VAL A 73 37.96 -10.71 5.88
C VAL A 73 37.36 -9.39 5.42
N TRP A 74 37.10 -8.52 6.39
CA TRP A 74 36.39 -7.26 6.13
C TRP A 74 37.26 -6.21 5.44
N TRP A 75 36.68 -5.54 4.45
CA TRP A 75 37.46 -4.61 3.64
C TRP A 75 36.80 -3.23 3.63
N GLU A 76 37.40 -2.27 4.34
CA GLU A 76 36.76 -0.97 4.49
C GLU A 76 36.83 -0.14 3.23
N LEU A 77 35.67 0.28 2.73
CA LEU A 77 35.60 1.31 1.70
C LEU A 77 34.89 2.54 2.23
N LEU A 78 35.07 3.69 1.56
CA LEU A 78 34.50 4.95 2.04
C LEU A 78 33.37 5.52 1.16
N ALA A 79 32.29 5.94 1.81
CA ALA A 79 31.26 6.75 1.15
C ALA A 79 30.65 7.65 2.20
N GLY A 80 30.32 8.88 1.81
CA GLY A 80 29.64 9.80 2.70
C GLY A 80 30.67 10.63 3.42
N HIS A 81 30.40 10.91 4.69
CA HIS A 81 31.22 11.84 5.47
C HIS A 81 32.69 11.41 5.67
N LEU A 82 32.95 10.12 5.87
CA LEU A 82 34.35 9.67 6.00
C LEU A 82 35.11 9.76 4.69
N ALA A 83 34.41 9.52 3.57
CA ALA A 83 35.03 9.73 2.25
C ALA A 83 35.32 11.20 2.01
N ARG A 84 34.38 12.06 2.41
CA ARG A 84 34.60 13.51 2.29
C ARG A 84 35.83 13.94 3.07
N GLU A 85 35.99 13.39 4.28
CA GLU A 85 37.11 13.74 5.15
C GLU A 85 38.45 13.24 4.59
N LYS A 86 38.53 11.98 4.19
CA LYS A 86 39.81 11.43 3.74
C LYS A 86 40.10 11.74 2.28
N CYS A 87 39.07 11.74 1.44
CA CYS A 87 39.24 11.78 -0.01
C CYS A 87 38.84 13.10 -0.65
N GLY A 88 38.10 13.93 0.09
CA GLY A 88 37.57 15.17 -0.44
C GLY A 88 36.38 15.04 -1.39
N GLU A 89 35.73 13.88 -1.39
CA GLU A 89 34.49 13.67 -2.16
C GLU A 89 33.62 12.59 -1.51
N LEU A 90 32.33 12.60 -1.80
CA LEU A 90 31.38 11.76 -1.09
C LEU A 90 31.35 10.32 -1.54
N LEU A 91 31.62 10.11 -2.82
CA LEU A 91 31.57 8.77 -3.39
C LEU A 91 32.71 8.58 -4.39
N PRO A 92 33.90 8.19 -3.90
CA PRO A 92 35.04 7.90 -4.79
C PRO A 92 34.71 6.80 -5.80
N LYS A 93 35.18 6.96 -7.02
CA LYS A 93 35.09 5.89 -8.01
C LYS A 93 35.65 4.58 -7.46
N ALA A 94 36.76 4.67 -6.72
CA ALA A 94 37.44 3.51 -6.11
C ALA A 94 36.55 2.68 -5.21
N THR A 95 35.62 3.36 -4.54
CA THR A 95 34.63 2.71 -3.70
C THR A 95 33.73 1.82 -4.54
N LEU A 96 33.18 2.38 -5.62
CA LEU A 96 32.37 1.62 -6.57
C LEU A 96 33.18 0.47 -7.15
N GLU A 97 34.42 0.75 -7.56
CA GLU A 97 35.28 -0.27 -8.17
C GLU A 97 35.61 -1.36 -7.17
N GLY A 98 35.72 -0.99 -5.90
CA GLY A 98 36.01 -1.91 -4.82
C GLY A 98 34.88 -2.88 -4.57
N ILE A 99 33.64 -2.39 -4.63
CA ILE A 99 32.48 -3.24 -4.48
C ILE A 99 32.38 -4.20 -5.65
N ARG A 100 32.62 -3.69 -6.84
CA ARG A 100 32.60 -4.50 -8.04
C ARG A 100 33.65 -5.63 -7.98
N LEU A 101 34.81 -5.34 -7.39
CA LEU A 101 35.85 -6.37 -7.22
C LEU A 101 35.43 -7.40 -6.16
N ALA A 102 34.92 -6.91 -5.03
CA ALA A 102 34.52 -7.79 -3.94
C ALA A 102 33.23 -8.58 -4.18
N ARG A 103 32.32 -7.95 -4.93
CA ARG A 103 31.03 -8.54 -5.30
C ARG A 103 30.01 -8.46 -4.13
N VAL A 104 30.51 -8.40 -2.91
CA VAL A 104 29.61 -8.34 -1.75
C VAL A 104 30.03 -7.19 -0.84
N ALA A 105 29.05 -6.43 -0.34
CA ALA A 105 29.36 -5.31 0.56
C ALA A 105 28.25 -5.04 1.56
N LEU A 106 28.65 -4.68 2.78
CA LEU A 106 27.70 -4.29 3.82
C LEU A 106 27.86 -2.78 3.96
N LYS A 107 26.77 -2.03 3.98
CA LYS A 107 26.91 -0.58 4.12
C LYS A 107 25.92 0.02 5.10
N GLY A 108 26.32 1.13 5.74
CA GLY A 108 25.37 1.89 6.54
C GLY A 108 24.59 2.86 5.67
N PRO A 109 23.62 3.56 6.25
CA PRO A 109 22.88 4.58 5.51
C PRO A 109 23.80 5.75 5.15
N LEU A 110 23.43 6.49 4.12
CA LEU A 110 24.17 7.67 3.71
C LEU A 110 23.25 8.86 3.71
N GLU A 111 23.80 10.00 4.09
CA GLU A 111 23.07 11.25 4.02
C GLU A 111 22.91 11.63 2.55
N THR A 112 21.77 12.23 2.19
CA THR A 112 21.57 12.69 0.82
C THR A 112 22.06 14.16 0.76
N PRO A 113 23.03 14.39 -0.13
CA PRO A 113 23.75 15.66 -0.22
C PRO A 113 22.94 16.88 -0.69
N VAL A 114 23.49 18.06 -0.38
CA VAL A 114 23.03 19.40 -0.81
C VAL A 114 21.61 19.55 -1.31
N GLY A 115 21.43 19.31 -2.61
CA GLY A 115 20.16 19.38 -3.33
C GLY A 115 20.24 18.52 -4.57
N THR A 116 20.64 17.25 -4.33
CA THR A 116 20.89 16.29 -5.41
C THR A 116 19.75 15.29 -5.71
N GLY A 117 18.72 15.23 -4.87
CA GLY A 117 17.66 14.27 -5.11
C GLY A 117 17.65 13.17 -4.04
N TYR A 118 16.46 12.67 -3.72
CA TYR A 118 16.23 11.70 -2.64
C TYR A 118 17.17 10.49 -2.70
N ARG A 119 17.94 10.31 -1.62
CA ARG A 119 18.95 9.23 -1.46
C ARG A 119 19.89 9.03 -2.68
N SER A 120 20.41 10.14 -3.19
CA SER A 120 21.14 10.12 -4.45
C SER A 120 22.48 9.39 -4.46
N LEU A 121 23.18 9.31 -3.33
CA LEU A 121 24.39 8.49 -3.29
C LEU A 121 24.05 7.02 -3.38
N ASN A 122 22.97 6.62 -2.73
CA ASN A 122 22.47 5.25 -2.79
C ASN A 122 22.01 4.89 -4.22
N VAL A 123 21.30 5.81 -4.86
CA VAL A 123 20.91 5.71 -6.26
C VAL A 123 22.17 5.57 -7.14
N ALA A 124 23.20 6.37 -6.87
CA ALA A 124 24.41 6.36 -7.69
C ALA A 124 25.09 4.99 -7.60
N ILE A 125 25.19 4.45 -6.39
CA ILE A 125 25.75 3.11 -6.17
C ILE A 125 24.97 2.02 -6.91
N ARG A 126 23.64 2.06 -6.82
CA ARG A 126 22.79 1.05 -7.46
C ARG A 126 22.93 1.08 -8.98
N GLN A 127 22.97 2.29 -9.55
CA GLN A 127 23.08 2.45 -11.00
C GLN A 127 24.48 2.10 -11.53
N ALA A 128 25.51 2.49 -10.80
CA ALA A 128 26.88 2.21 -11.25
C ALA A 128 27.13 0.70 -11.29
N LEU A 129 26.49 -0.02 -10.37
CA LEU A 129 26.71 -1.46 -10.24
C LEU A 129 25.56 -2.29 -10.79
N ASP A 130 24.55 -1.62 -11.33
CA ASP A 130 23.36 -2.28 -11.87
C ASP A 130 22.73 -3.25 -10.86
N LEU A 131 22.44 -2.75 -9.66
CA LEU A 131 21.75 -3.53 -8.64
C LEU A 131 20.22 -3.35 -8.84
N TYR A 132 19.66 -4.15 -9.74
CA TYR A 132 18.26 -4.02 -10.21
C TYR A 132 17.20 -4.58 -9.27
N ALA A 133 17.60 -5.51 -8.41
CA ALA A 133 16.65 -6.19 -7.54
C ALA A 133 16.76 -5.70 -6.09
N ASN A 134 15.66 -5.16 -5.55
CA ASN A 134 15.59 -4.73 -4.14
C ASN A 134 14.92 -5.84 -3.33
N ILE A 135 15.67 -6.41 -2.38
CA ILE A 135 15.24 -7.59 -1.64
C ILE A 135 15.04 -7.19 -0.19
N ARG A 136 13.82 -7.37 0.31
CA ARG A 136 13.52 -7.08 1.71
C ARG A 136 12.82 -8.23 2.42
N PRO A 137 13.54 -8.92 3.30
CA PRO A 137 12.89 -9.91 4.18
C PRO A 137 12.11 -9.20 5.27
N VAL A 138 10.94 -9.75 5.58
CA VAL A 138 10.17 -9.28 6.71
C VAL A 138 9.77 -10.47 7.57
N ARG A 139 10.25 -10.46 8.80
CA ARG A 139 10.08 -11.57 9.72
C ARG A 139 9.75 -11.01 11.09
N TYR A 140 9.24 -11.86 11.99
CA TYR A 140 8.88 -11.42 13.33
C TYR A 140 9.87 -11.96 14.36
N TYR A 141 10.32 -11.08 15.26
CA TYR A 141 11.35 -11.46 16.22
C TYR A 141 10.86 -11.41 17.67
N GLY A 142 9.57 -11.31 17.82
CA GLY A 142 8.97 -11.33 19.14
C GLY A 142 8.66 -9.97 19.73
N GLN A 143 8.98 -8.88 19.01
CA GLN A 143 8.67 -7.49 19.42
C GLN A 143 7.19 -7.34 19.70
N PRO A 144 6.81 -6.34 20.48
CA PRO A 144 5.41 -5.92 20.54
C PRO A 144 5.02 -5.44 19.15
N ALA A 145 3.84 -5.84 18.69
CA ALA A 145 3.45 -5.66 17.30
C ALA A 145 1.94 -5.53 17.22
N PRO A 146 1.45 -4.72 16.31
CA PRO A 146 0.01 -4.43 16.18
C PRO A 146 -0.78 -5.54 15.45
N HIS A 147 -0.09 -6.45 14.77
CA HIS A 147 -0.72 -7.50 13.99
C HIS A 147 -0.91 -8.74 14.86
N LYS A 148 -2.16 -9.18 15.04
CA LYS A 148 -2.41 -10.39 15.84
C LYS A 148 -1.65 -11.55 15.26
N TYR A 149 -1.43 -11.50 13.95
CA TYR A 149 -0.78 -12.58 13.23
C TYR A 149 0.64 -12.22 12.83
N ALA A 150 1.30 -11.34 13.59
CA ALA A 150 2.70 -10.96 13.34
C ALA A 150 3.60 -12.18 13.18
N ASP A 151 3.42 -13.15 14.09
CA ASP A 151 4.21 -14.38 14.10
C ASP A 151 3.99 -15.29 12.89
N ARG A 152 2.96 -14.99 12.09
CA ARG A 152 2.74 -15.71 10.84
C ARG A 152 3.30 -14.95 9.63
N VAL A 153 4.03 -13.87 9.89
CA VAL A 153 4.63 -13.08 8.80
C VAL A 153 6.07 -13.51 8.62
N ASP A 154 6.32 -14.17 7.50
CA ASP A 154 7.68 -14.57 7.16
C ASP A 154 7.77 -14.45 5.65
N MET A 155 8.14 -13.27 5.19
CA MET A 155 8.08 -12.97 3.77
C MET A 155 9.38 -12.38 3.28
N VAL A 156 9.55 -12.35 1.96
CA VAL A 156 10.61 -11.59 1.32
C VAL A 156 10.03 -10.86 0.09
N ILE A 157 10.28 -9.57 -0.02
CA ILE A 157 9.76 -8.80 -1.14
C ILE A 157 10.87 -8.64 -2.19
N PHE A 158 10.63 -9.18 -3.38
CA PHE A 158 11.52 -8.98 -4.53
C PHE A 158 10.92 -7.84 -5.34
N ARG A 159 11.56 -6.69 -5.25
CA ARG A 159 11.05 -5.44 -5.81
C ARG A 159 11.92 -5.02 -6.98
N GLU A 160 11.29 -4.83 -8.15
CA GLU A 160 12.03 -4.35 -9.30
C GLU A 160 12.40 -2.91 -9.01
N ASN A 161 13.69 -2.60 -9.08
CA ASN A 161 14.15 -1.32 -8.55
C ASN A 161 14.71 -0.35 -9.60
N THR A 162 14.36 -0.50 -10.89
CA THR A 162 14.88 0.41 -11.92
C THR A 162 13.82 1.15 -12.74
N GLU A 163 12.61 0.61 -12.80
CA GLU A 163 11.59 1.14 -13.72
C GLU A 163 10.41 1.71 -12.93
N ASP A 164 9.23 1.71 -13.56
CA ASP A 164 8.02 2.18 -12.94
C ASP A 164 8.05 3.69 -12.84
N VAL A 165 7.08 4.25 -12.14
CA VAL A 165 6.97 5.69 -12.01
C VAL A 165 8.11 6.26 -11.16
N TYR A 166 8.87 5.38 -10.49
CA TYR A 166 10.01 5.81 -9.67
C TYR A 166 11.23 6.14 -10.52
N ALA A 167 11.19 5.83 -11.82
CA ALA A 167 12.34 6.11 -12.70
C ALA A 167 12.56 7.60 -12.95
N GLY A 168 11.65 8.43 -12.47
CA GLY A 168 11.83 9.87 -12.53
C GLY A 168 11.52 10.52 -13.88
N ILE A 169 10.72 9.86 -14.72
CA ILE A 169 10.30 10.47 -15.98
C ILE A 169 9.02 11.24 -15.73
N GLU A 170 9.14 12.57 -15.71
CA GLU A 170 8.02 13.44 -15.36
C GLU A 170 8.35 14.89 -15.63
N TRP A 171 7.32 15.70 -15.87
CA TRP A 171 7.50 17.12 -16.12
C TRP A 171 6.46 17.95 -15.36
N PRO A 172 6.86 19.14 -14.87
CA PRO A 172 5.95 20.03 -14.13
C PRO A 172 4.74 20.41 -14.97
N HIS A 173 3.61 20.68 -14.32
CA HIS A 173 2.37 21.10 -14.98
C HIS A 173 2.49 22.32 -15.90
N ASP A 174 3.34 23.26 -15.50
CA ASP A 174 3.48 24.54 -16.17
C ASP A 174 4.67 24.61 -17.12
N SER A 175 5.36 23.48 -17.30
CA SER A 175 6.56 23.44 -18.14
C SER A 175 6.22 23.43 -19.62
N PRO A 176 7.13 23.97 -20.44
CA PRO A 176 7.05 23.78 -21.90
C PRO A 176 7.07 22.31 -22.32
N GLU A 177 7.82 21.45 -21.65
CA GLU A 177 7.87 20.05 -22.06
C GLU A 177 6.51 19.39 -21.88
N ALA A 178 5.89 19.62 -20.73
CA ALA A 178 4.59 19.05 -20.43
C ALA A 178 3.57 19.53 -21.43
N ALA A 179 3.67 20.80 -21.80
CA ALA A 179 2.85 21.35 -22.86
C ALA A 179 3.02 20.59 -24.18
N ARG A 180 4.26 20.31 -24.58
CA ARG A 180 4.51 19.60 -25.82
C ARG A 180 4.02 18.14 -25.73
N ILE A 181 4.14 17.54 -24.55
CA ILE A 181 3.68 16.15 -24.42
C ILE A 181 2.17 16.11 -24.56
N ARG A 182 1.49 17.06 -23.95
CA ARG A 182 0.04 17.13 -23.98
C ARG A 182 -0.49 17.20 -25.39
N ARG A 183 0.10 18.08 -26.19
CA ARG A 183 -0.35 18.24 -27.56
C ARG A 183 0.04 17.07 -28.45
N PHE A 184 1.20 16.46 -28.22
CA PHE A 184 1.55 15.26 -28.97
C PHE A 184 0.50 14.19 -28.73
N LEU A 185 0.15 13.99 -27.47
CA LEU A 185 -0.79 12.95 -27.08
C LEU A 185 -2.18 13.23 -27.68
N ALA A 186 -2.60 14.50 -27.66
CA ALA A 186 -3.88 14.88 -28.25
C ALA A 186 -3.91 14.70 -29.77
N GLU A 187 -2.95 15.29 -30.47
CA GLU A 187 -2.95 15.25 -31.92
C GLU A 187 -2.65 13.87 -32.50
N GLU A 188 -1.78 13.10 -31.85
CA GLU A 188 -1.44 11.78 -32.36
C GLU A 188 -2.40 10.67 -31.93
N PHE A 189 -2.91 10.77 -30.70
CA PHE A 189 -3.69 9.67 -30.13
C PHE A 189 -5.07 10.05 -29.61
N GLY A 190 -5.46 11.31 -29.81
CA GLY A 190 -6.69 11.80 -29.22
C GLY A 190 -6.81 11.60 -27.71
N ILE A 191 -5.68 11.70 -26.99
CA ILE A 191 -5.71 11.62 -25.53
C ILE A 191 -5.86 13.02 -24.96
N SER A 192 -6.80 13.18 -24.04
CA SER A 192 -7.04 14.46 -23.38
C SER A 192 -6.41 14.51 -21.99
N ILE A 193 -5.52 15.47 -21.78
CA ILE A 193 -4.94 15.72 -20.46
C ILE A 193 -5.15 17.21 -20.21
N ARG A 194 -5.56 17.56 -19.00
CA ARG A 194 -5.80 18.96 -18.67
C ARG A 194 -4.51 19.76 -18.76
N GLU A 195 -4.64 21.05 -19.07
CA GLU A 195 -3.51 21.97 -19.20
C GLU A 195 -2.84 22.21 -17.87
N ASP A 196 -3.58 22.07 -16.78
CA ASP A 196 -2.99 22.26 -15.47
C ASP A 196 -2.56 20.93 -14.82
N ALA A 197 -2.22 19.92 -15.64
CA ALA A 197 -1.78 18.60 -15.15
C ALA A 197 -0.27 18.37 -15.23
N GLY A 198 0.31 17.88 -14.15
CA GLY A 198 1.66 17.35 -14.17
C GLY A 198 1.60 16.01 -14.88
N ILE A 199 2.71 15.60 -15.50
CA ILE A 199 2.70 14.38 -16.30
C ILE A 199 3.88 13.49 -15.93
N GLY A 200 3.57 12.24 -15.56
CA GLY A 200 4.59 11.24 -15.27
C GLY A 200 4.46 10.14 -16.31
N VAL A 201 5.51 9.33 -16.50
CA VAL A 201 5.55 8.22 -17.44
C VAL A 201 5.95 6.95 -16.67
N LYS A 202 5.23 5.85 -16.94
CA LYS A 202 5.46 4.60 -16.28
C LYS A 202 5.91 3.53 -17.26
N PRO A 203 7.21 3.24 -17.32
CA PRO A 203 7.70 2.17 -18.18
C PRO A 203 7.91 0.89 -17.38
N ILE A 204 7.58 -0.23 -17.96
CA ILE A 204 7.80 -1.55 -17.39
C ILE A 204 8.20 -2.43 -18.56
N SER A 205 9.41 -3.01 -18.48
CA SER A 205 9.88 -3.79 -19.62
C SER A 205 9.97 -5.29 -19.35
N ARG A 206 9.98 -6.03 -20.43
CA ARG A 206 10.14 -7.47 -20.43
C ARG A 206 11.47 -7.85 -19.78
N PHE A 207 12.55 -7.25 -20.26
CA PHE A 207 13.91 -7.50 -19.75
C PHE A 207 14.01 -7.29 -18.22
N ALA A 208 13.53 -6.16 -17.70
CA ALA A 208 13.66 -5.89 -16.26
C ALA A 208 12.83 -6.86 -15.41
N THR A 209 11.63 -7.18 -15.89
CA THR A 209 10.70 -8.07 -15.22
C THR A 209 11.28 -9.47 -15.13
N ARG A 210 11.81 -9.94 -16.24
CA ARG A 210 12.34 -11.28 -16.32
C ARG A 210 13.49 -11.45 -15.35
N ARG A 211 14.44 -10.53 -15.40
CA ARG A 211 15.60 -10.57 -14.50
C ARG A 211 15.11 -10.74 -13.07
N LEU A 212 14.17 -9.87 -12.68
CA LEU A 212 13.72 -9.83 -11.30
C LEU A 212 13.07 -11.14 -10.88
N MET A 213 12.17 -11.66 -11.73
CA MET A 213 11.48 -12.93 -11.50
C MET A 213 12.43 -14.13 -11.42
N GLU A 214 13.46 -14.14 -12.26
CA GLU A 214 14.48 -15.21 -12.20
C GLU A 214 15.18 -15.24 -10.85
N ARG A 215 15.59 -14.08 -10.36
CA ARG A 215 16.26 -13.98 -9.06
C ARG A 215 15.34 -14.38 -7.91
N ALA A 216 14.06 -14.02 -8.04
CA ALA A 216 13.08 -14.39 -7.03
C ALA A 216 12.88 -15.91 -6.95
N LEU A 217 12.85 -16.56 -8.11
CA LEU A 217 12.64 -18.00 -8.20
C LEU A 217 13.88 -18.73 -7.71
N GLU A 218 15.04 -18.18 -8.05
CA GLU A 218 16.30 -18.76 -7.59
C GLU A 218 16.37 -18.69 -6.07
N TRP A 219 15.92 -17.58 -5.50
CA TRP A 219 15.84 -17.45 -4.05
C TRP A 219 14.87 -18.46 -3.47
N ALA A 220 13.69 -18.59 -4.08
CA ALA A 220 12.69 -19.58 -3.65
C ALA A 220 13.22 -21.02 -3.64
N LEU A 221 13.96 -21.39 -4.68
CA LEU A 221 14.58 -22.71 -4.77
C LEU A 221 15.62 -22.92 -3.67
N ARG A 222 16.49 -21.94 -3.50
CA ARG A 222 17.49 -21.93 -2.43
C ARG A 222 16.89 -22.11 -1.04
N ASN A 223 15.81 -21.38 -0.76
CA ASN A 223 15.21 -21.33 0.58
C ASN A 223 14.07 -22.31 0.80
N GLY A 224 13.83 -23.16 -0.19
CA GLY A 224 12.72 -24.09 -0.15
C GLY A 224 11.38 -23.38 0.04
N ASN A 225 11.24 -22.19 -0.54
CA ASN A 225 9.96 -21.51 -0.49
C ASN A 225 8.95 -22.26 -1.34
N THR A 226 7.71 -22.19 -0.91
CA THR A 226 6.63 -23.00 -1.42
C THR A 226 5.69 -22.16 -2.32
N VAL A 227 5.77 -20.84 -2.18
CA VAL A 227 4.92 -19.94 -2.94
C VAL A 227 5.65 -18.65 -3.36
N VAL A 228 5.44 -18.27 -4.62
CA VAL A 228 5.91 -17.01 -5.17
C VAL A 228 4.69 -16.27 -5.73
N THR A 229 4.45 -15.06 -5.21
CA THR A 229 3.25 -14.30 -5.56
C THR A 229 3.59 -12.99 -6.28
N ILE A 230 3.06 -12.81 -7.50
CA ILE A 230 3.26 -11.59 -8.28
C ILE A 230 2.20 -10.57 -7.89
N MET A 231 2.64 -9.40 -7.42
CA MET A 231 1.73 -8.35 -6.99
C MET A 231 1.62 -7.27 -8.06
N HIS A 232 0.40 -7.04 -8.55
CA HIS A 232 0.22 -6.26 -9.76
C HIS A 232 -1.17 -5.63 -9.81
N LYS A 233 -1.27 -4.52 -10.53
CA LYS A 233 -2.56 -3.90 -10.78
C LYS A 233 -2.86 -4.00 -12.28
N GLY A 234 -2.79 -5.24 -12.79
CA GLY A 234 -2.90 -5.53 -14.21
C GLY A 234 -4.30 -5.48 -14.79
N ASN A 235 -5.34 -5.46 -13.94
CA ASN A 235 -6.72 -5.28 -14.42
C ASN A 235 -6.96 -3.84 -14.87
N ILE A 236 -6.27 -2.87 -14.26
CA ILE A 236 -6.40 -1.45 -14.62
C ILE A 236 -5.26 -1.00 -15.54
N MET A 237 -4.03 -1.37 -15.18
CA MET A 237 -2.85 -1.03 -15.97
C MET A 237 -2.37 -2.27 -16.74
N LYS A 238 -3.06 -2.53 -17.86
CA LYS A 238 -2.88 -3.75 -18.60
C LYS A 238 -1.48 -3.92 -19.19
N TYR A 239 -0.89 -2.83 -19.64
CA TYR A 239 0.28 -2.92 -20.51
C TYR A 239 1.57 -2.62 -19.77
N THR A 240 1.45 -2.27 -18.50
CA THR A 240 2.62 -2.14 -17.64
C THR A 240 2.62 -3.20 -16.55
N GLU A 241 1.73 -3.03 -15.57
CA GLU A 241 1.58 -4.05 -14.53
C GLU A 241 1.00 -5.38 -15.02
N GLY A 242 0.06 -5.32 -15.97
CA GLY A 242 -0.49 -6.55 -16.57
C GLY A 242 0.60 -7.34 -17.27
N ALA A 243 1.40 -6.63 -18.06
CA ALA A 243 2.54 -7.20 -18.78
C ALA A 243 3.60 -7.72 -17.79
N PHE A 244 3.84 -6.97 -16.72
CA PHE A 244 4.71 -7.43 -15.65
C PHE A 244 4.29 -8.82 -15.18
N MET A 245 3.01 -8.97 -14.88
CA MET A 245 2.48 -10.24 -14.39
C MET A 245 2.67 -11.33 -15.46
N ARG A 246 2.30 -11.02 -16.70
CA ARG A 246 2.40 -12.01 -17.79
C ARG A 246 3.86 -12.41 -18.05
N TRP A 247 4.76 -11.43 -18.08
CA TRP A 247 6.16 -11.74 -18.34
C TRP A 247 6.78 -12.55 -17.22
N ALA A 248 6.39 -12.25 -15.96
CA ALA A 248 6.84 -13.01 -14.80
C ALA A 248 6.37 -14.47 -14.87
N TYR A 249 5.09 -14.68 -15.16
CA TYR A 249 4.57 -16.04 -15.34
C TYR A 249 5.33 -16.74 -16.47
N GLU A 250 5.58 -15.99 -17.55
CA GLU A 250 6.28 -16.51 -18.71
C GLU A 250 7.67 -17.07 -18.40
N VAL A 251 8.53 -16.30 -17.71
CA VAL A 251 9.87 -16.80 -17.40
C VAL A 251 9.78 -17.98 -16.46
N ALA A 252 8.85 -17.93 -15.52
CA ALA A 252 8.63 -19.02 -14.57
C ALA A 252 8.44 -20.35 -15.30
N LEU A 253 7.53 -20.37 -16.29
CA LEU A 253 7.23 -21.57 -17.07
C LEU A 253 8.33 -21.90 -18.08
N GLU A 254 9.01 -20.86 -18.56
CA GLU A 254 10.07 -21.03 -19.54
C GLU A 254 11.35 -21.65 -18.94
N LYS A 255 11.77 -21.16 -17.77
CA LYS A 255 13.10 -21.47 -17.24
C LYS A 255 13.06 -22.38 -16.01
N PHE A 256 11.89 -22.51 -15.39
CA PHE A 256 11.74 -23.26 -14.14
C PHE A 256 10.56 -24.25 -14.19
N ARG A 257 10.20 -24.70 -15.39
CA ARG A 257 8.99 -25.53 -15.56
C ARG A 257 8.91 -26.68 -14.57
N GLU A 258 9.96 -27.49 -14.52
CA GLU A 258 10.00 -28.66 -13.65
C GLU A 258 9.82 -28.33 -12.17
N HIS A 259 10.12 -27.09 -11.81
CA HIS A 259 10.14 -26.64 -10.41
C HIS A 259 8.89 -25.91 -9.95
N VAL A 260 8.05 -25.50 -10.89
CA VAL A 260 6.94 -24.57 -10.57
C VAL A 260 5.59 -25.06 -11.07
N VAL A 261 4.54 -24.68 -10.36
CA VAL A 261 3.17 -24.91 -10.80
C VAL A 261 2.38 -23.62 -10.68
N THR A 262 1.54 -23.38 -11.68
CA THR A 262 0.71 -22.19 -11.76
C THR A 262 -0.59 -22.49 -11.01
N GLU A 263 -1.15 -21.48 -10.35
CA GLU A 263 -2.44 -21.62 -9.64
C GLU A 263 -3.58 -21.91 -10.61
N GLN A 264 -3.57 -21.23 -11.77
CA GLN A 264 -4.49 -21.53 -12.88
C GLN A 264 -4.30 -22.98 -13.39
N GLU A 265 -3.32 -23.71 -12.82
CA GLU A 265 -3.10 -25.13 -13.12
C GLU A 265 -3.55 -26.04 -11.97
N VAL A 266 -3.25 -25.61 -10.74
CA VAL A 266 -3.32 -26.45 -9.53
C VAL A 266 -4.69 -27.09 -9.26
N GLN A 267 -5.73 -26.28 -9.06
CA GLN A 267 -7.05 -26.78 -8.69
C GLN A 267 -7.66 -27.59 -9.84
N GLU A 268 -7.27 -27.21 -11.06
CA GLU A 268 -7.70 -27.87 -12.29
C GLU A 268 -7.08 -29.26 -12.41
N LYS A 269 -5.83 -29.29 -12.85
CA LYS A 269 -5.12 -30.53 -13.18
C LYS A 269 -4.63 -31.26 -11.92
N TYR A 270 -3.87 -30.58 -11.08
CA TYR A 270 -3.34 -31.20 -9.87
C TYR A 270 -4.41 -31.47 -8.81
N GLY A 271 -3.99 -31.96 -7.64
CA GLY A 271 -4.90 -32.48 -6.63
C GLY A 271 -6.00 -31.55 -6.16
N GLY A 272 -5.84 -30.25 -6.41
CA GLY A 272 -6.72 -29.23 -5.88
C GLY A 272 -5.98 -28.43 -4.82
N VAL A 273 -5.53 -29.16 -3.79
CA VAL A 273 -4.63 -28.63 -2.78
C VAL A 273 -3.21 -28.73 -3.36
N ARG A 274 -2.33 -27.83 -2.94
CA ARG A 274 -0.96 -27.72 -3.45
C ARG A 274 -0.23 -29.07 -3.51
N PRO A 275 0.30 -29.42 -4.68
CA PRO A 275 1.17 -30.59 -4.84
C PRO A 275 2.50 -30.51 -4.06
N GLU A 276 3.10 -31.68 -3.81
CA GLU A 276 4.36 -31.79 -3.08
C GLU A 276 5.58 -31.54 -3.98
N GLY A 277 6.51 -30.70 -3.45
CA GLY A 277 7.76 -30.41 -4.15
C GLY A 277 7.75 -29.11 -4.92
N LYS A 278 6.73 -28.92 -5.76
CA LYS A 278 6.64 -27.72 -6.61
C LYS A 278 6.36 -26.39 -5.88
N ILE A 279 6.92 -25.31 -6.43
CA ILE A 279 6.67 -23.95 -5.97
C ILE A 279 5.40 -23.43 -6.62
N LEU A 280 4.42 -23.00 -5.82
CA LEU A 280 3.24 -22.38 -6.38
C LEU A 280 3.57 -20.95 -6.80
N VAL A 281 3.38 -20.68 -8.10
CA VAL A 281 3.49 -19.33 -8.60
C VAL A 281 2.09 -18.82 -8.84
N ASN A 282 1.72 -17.77 -8.10
CA ASN A 282 0.41 -17.17 -8.27
C ASN A 282 0.51 -15.63 -8.36
N ASP A 283 -0.65 -14.96 -8.38
CA ASP A 283 -0.70 -13.51 -8.52
C ASP A 283 -1.90 -12.93 -7.78
N ARG A 284 -1.71 -11.71 -7.27
CA ARG A 284 -2.75 -11.03 -6.52
C ARG A 284 -2.84 -9.56 -6.96
N ILE A 285 -4.06 -9.08 -7.18
CA ILE A 285 -4.28 -7.66 -7.47
C ILE A 285 -3.75 -6.87 -6.28
N ALA A 286 -3.07 -5.76 -6.58
CA ALA A 286 -2.19 -5.10 -5.61
C ALA A 286 -2.84 -4.63 -4.33
N ASP A 287 -4.01 -4.01 -4.45
CA ASP A 287 -4.76 -3.61 -3.27
C ASP A 287 -5.26 -4.84 -2.50
N ASN A 288 -5.72 -5.86 -3.21
CA ASN A 288 -6.01 -7.14 -2.54
C ASN A 288 -4.79 -7.77 -1.83
N MET A 289 -3.62 -7.64 -2.44
CA MET A 289 -2.39 -8.18 -1.87
C MET A 289 -2.11 -7.55 -0.50
N LEU A 290 -2.40 -6.26 -0.38
CA LEU A 290 -2.29 -5.56 0.90
C LEU A 290 -3.26 -6.17 1.92
N GLN A 291 -4.49 -6.41 1.48
CA GLN A 291 -5.49 -7.04 2.34
C GLN A 291 -5.05 -8.46 2.73
N GLN A 292 -4.52 -9.20 1.78
CA GLN A 292 -4.17 -10.60 1.98
C GLN A 292 -3.03 -10.79 2.98
N ILE A 293 -2.03 -9.92 2.95
CA ILE A 293 -0.95 -10.06 3.93
C ILE A 293 -1.40 -9.73 5.34
N ILE A 294 -2.43 -8.90 5.45
CA ILE A 294 -3.03 -8.56 6.73
C ILE A 294 -3.96 -9.68 7.22
N THR A 295 -4.75 -10.26 6.32
CA THR A 295 -5.77 -11.26 6.72
C THR A 295 -5.24 -12.70 6.77
N ARG A 296 -4.33 -13.03 5.86
CA ARG A 296 -3.85 -14.41 5.74
C ARG A 296 -2.36 -14.40 5.42
N PRO A 297 -1.54 -13.83 6.31
CA PRO A 297 -0.11 -13.70 6.05
C PRO A 297 0.58 -15.06 5.80
N TRP A 298 0.06 -16.12 6.43
CA TRP A 298 0.66 -17.45 6.35
C TRP A 298 0.59 -18.04 4.92
N ASP A 299 -0.24 -17.43 4.08
CA ASP A 299 -0.38 -17.85 2.68
C ASP A 299 0.65 -17.25 1.73
N TYR A 300 1.54 -16.40 2.26
CA TYR A 300 2.50 -15.67 1.43
C TYR A 300 3.94 -15.82 1.90
N GLN A 301 4.84 -16.05 0.96
CA GLN A 301 6.26 -16.12 1.27
C GLN A 301 7.02 -15.12 0.39
N VAL A 302 7.29 -15.49 -0.85
CA VAL A 302 8.04 -14.62 -1.75
C VAL A 302 7.05 -13.77 -2.55
N ILE A 303 7.21 -12.46 -2.44
CA ILE A 303 6.36 -11.53 -3.17
C ILE A 303 7.23 -10.88 -4.22
N VAL A 304 6.73 -10.91 -5.45
CA VAL A 304 7.44 -10.31 -6.58
C VAL A 304 6.63 -9.13 -7.10
N ALA A 305 7.29 -7.98 -7.22
CA ALA A 305 6.57 -6.73 -7.51
C ALA A 305 7.38 -5.70 -8.28
N PRO A 306 6.71 -4.87 -9.08
CA PRO A 306 7.38 -3.71 -9.67
C PRO A 306 7.67 -2.69 -8.56
N ASN A 307 8.41 -1.65 -8.95
CA ASN A 307 9.02 -0.73 -7.99
C ASN A 307 8.03 -0.22 -6.93
N LEU A 308 6.95 0.44 -7.37
CA LEU A 308 6.03 1.06 -6.40
C LEU A 308 5.31 0.03 -5.50
N ASN A 309 4.65 -0.96 -6.11
CA ASN A 309 3.99 -2.02 -5.33
C ASN A 309 4.97 -2.63 -4.29
N GLY A 310 6.21 -2.83 -4.70
CA GLY A 310 7.21 -3.44 -3.83
C GLY A 310 7.51 -2.54 -2.63
N ASP A 311 7.75 -1.26 -2.93
CA ASP A 311 7.91 -0.23 -1.94
C ASP A 311 6.77 -0.22 -0.91
N TYR A 312 5.52 -0.26 -1.38
CA TYR A 312 4.38 -0.18 -0.46
C TYR A 312 4.22 -1.43 0.38
N ILE A 313 4.28 -2.61 -0.26
CA ILE A 313 4.01 -3.88 0.43
C ILE A 313 5.06 -4.19 1.51
N SER A 314 6.34 -3.88 1.22
CA SER A 314 7.40 -4.18 2.18
C SER A 314 7.30 -3.26 3.40
N ASP A 315 6.97 -2.00 3.17
CA ASP A 315 6.66 -1.10 4.29
C ASP A 315 5.48 -1.59 5.13
N ALA A 316 4.41 -2.03 4.49
CA ALA A 316 3.21 -2.47 5.22
C ALA A 316 3.54 -3.68 6.07
N ALA A 317 4.24 -4.65 5.46
CA ALA A 317 4.62 -5.87 6.14
C ALA A 317 5.48 -5.60 7.39
N SER A 318 6.44 -4.67 7.29
CA SER A 318 7.30 -4.34 8.40
C SER A 318 6.53 -3.71 9.54
N ALA A 319 5.54 -2.88 9.20
CA ALA A 319 4.66 -2.30 10.23
C ALA A 319 3.89 -3.38 10.97
N LEU A 320 3.39 -4.37 10.24
CA LEU A 320 2.62 -5.46 10.86
C LEU A 320 3.41 -6.19 11.95
N VAL A 321 4.71 -6.41 11.72
CA VAL A 321 5.54 -7.17 12.66
C VAL A 321 6.27 -6.35 13.70
N GLY A 322 5.97 -5.05 13.77
CA GLY A 322 6.65 -4.15 14.68
C GLY A 322 8.12 -4.00 14.32
N GLY A 323 8.44 -4.17 13.05
CA GLY A 323 9.83 -4.17 12.61
C GLY A 323 10.30 -2.97 11.83
N ILE A 324 9.59 -1.85 11.92
CA ILE A 324 9.89 -0.67 11.12
C ILE A 324 11.37 -0.24 11.20
N GLY A 325 11.87 -0.02 12.41
CA GLY A 325 13.28 0.32 12.60
C GLY A 325 14.22 -0.87 12.61
N MET A 326 13.69 -2.08 12.36
CA MET A 326 14.53 -3.28 12.35
C MET A 326 14.64 -3.94 10.97
N ALA A 327 14.05 -3.33 9.95
CA ALA A 327 13.97 -3.90 8.62
C ALA A 327 15.32 -3.90 7.89
N ALA A 328 15.62 -5.04 7.29
CA ALA A 328 16.86 -5.23 6.55
C ALA A 328 16.56 -5.22 5.08
N GLY A 329 17.59 -4.93 4.27
CA GLY A 329 17.48 -5.11 2.83
C GLY A 329 18.80 -5.34 2.14
N MET A 330 18.71 -5.74 0.86
CA MET A 330 19.85 -5.74 -0.03
C MET A 330 19.43 -5.37 -1.44
N ASN A 331 20.35 -4.74 -2.16
CA ASN A 331 20.15 -4.50 -3.57
C ASN A 331 21.14 -5.37 -4.31
N MET A 332 20.61 -6.09 -5.30
CA MET A 332 21.33 -7.19 -5.92
C MET A 332 21.31 -7.06 -7.43
N GLY A 333 22.44 -7.36 -8.04
CA GLY A 333 22.58 -7.36 -9.46
C GLY A 333 22.95 -8.77 -9.84
N ASP A 334 23.64 -8.92 -10.97
CA ASP A 334 24.03 -10.26 -11.39
C ASP A 334 25.12 -10.92 -10.56
N GLY A 335 26.36 -10.48 -10.65
CA GLY A 335 27.27 -11.16 -9.73
C GLY A 335 27.48 -10.58 -8.36
N ILE A 336 26.51 -9.82 -7.84
CA ILE A 336 26.85 -8.75 -6.91
C ILE A 336 25.72 -8.30 -5.99
N ALA A 337 26.05 -7.95 -4.73
CA ALA A 337 25.04 -7.46 -3.79
C ALA A 337 25.59 -6.51 -2.75
N VAL A 338 24.78 -5.52 -2.39
CA VAL A 338 25.09 -4.58 -1.35
C VAL A 338 23.96 -4.60 -0.33
N ALA A 339 24.27 -4.95 0.92
CA ALA A 339 23.24 -5.02 1.95
C ALA A 339 23.22 -3.79 2.82
N GLU A 340 22.02 -3.36 3.22
CA GLU A 340 21.89 -2.21 4.10
C GLU A 340 20.52 -2.13 4.71
N PRO A 341 20.44 -1.51 5.89
CA PRO A 341 19.15 -1.32 6.56
C PRO A 341 18.22 -0.45 5.75
N VAL A 342 16.92 -0.64 5.91
CA VAL A 342 15.92 0.23 5.28
C VAL A 342 16.00 1.68 5.84
N HIS A 343 16.24 1.81 7.14
CA HIS A 343 16.28 3.11 7.84
C HIS A 343 17.37 4.07 7.36
N GLY A 344 17.18 5.35 7.69
CA GLY A 344 18.15 6.39 7.39
C GLY A 344 19.25 6.57 8.42
N THR A 345 19.89 7.74 8.41
CA THR A 345 21.09 7.99 9.20
C THR A 345 20.78 8.28 10.66
N ALA A 346 19.50 8.55 10.96
CA ALA A 346 19.05 8.90 12.33
C ALA A 346 19.96 9.91 13.02
N PRO A 347 20.09 11.11 12.46
CA PRO A 347 21.05 12.12 12.93
C PRO A 347 20.98 12.45 14.43
N LYS A 348 19.78 12.43 15.00
CA LYS A 348 19.61 12.72 16.42
C LYS A 348 20.27 11.66 17.34
N TYR A 349 20.42 10.42 16.86
CA TYR A 349 20.94 9.30 17.66
C TYR A 349 22.42 9.04 17.42
N ALA A 350 22.96 9.65 16.37
CA ALA A 350 24.32 9.42 15.92
C ALA A 350 25.35 9.69 17.01
N GLY A 351 26.20 8.72 17.27
CA GLY A 351 27.25 8.88 18.27
C GLY A 351 26.79 8.81 19.71
N LYS A 352 25.52 8.46 19.92
CA LYS A 352 25.01 8.41 21.29
C LYS A 352 24.99 7.03 21.90
N ASP A 353 25.38 5.98 21.15
CA ASP A 353 25.35 4.60 21.66
C ASP A 353 23.92 4.20 22.07
N LEU A 354 22.92 4.73 21.36
CA LEU A 354 21.51 4.46 21.67
C LEU A 354 20.79 3.60 20.63
N ILE A 355 21.20 3.76 19.38
CA ILE A 355 20.52 3.20 18.23
C ILE A 355 20.44 1.68 18.29
N ASN A 356 19.36 1.15 17.73
CA ASN A 356 19.18 -0.27 17.49
C ASN A 356 20.00 -0.71 16.26
N PRO A 357 21.00 -1.58 16.47
CA PRO A 357 21.80 -2.11 15.35
C PRO A 357 21.19 -3.33 14.67
N SER A 358 20.04 -3.81 15.15
CA SER A 358 19.40 -5.00 14.59
C SER A 358 19.26 -4.98 13.06
N ALA A 359 18.77 -3.87 12.49
CA ALA A 359 18.59 -3.76 11.04
C ALA A 359 19.89 -3.98 10.27
N GLU A 360 20.98 -3.42 10.77
CA GLU A 360 22.27 -3.57 10.10
C GLU A 360 22.81 -4.99 10.24
N ILE A 361 22.62 -5.53 11.45
CA ILE A 361 23.01 -6.90 11.74
C ILE A 361 22.26 -7.83 10.82
N LEU A 362 20.98 -7.57 10.65
CA LEU A 362 20.13 -8.46 9.84
C LEU A 362 20.40 -8.29 8.36
N SER A 363 20.88 -7.10 7.96
CA SER A 363 21.32 -6.87 6.58
C SER A 363 22.55 -7.72 6.27
N ALA A 364 23.48 -7.75 7.22
CA ALA A 364 24.68 -8.57 7.12
C ALA A 364 24.31 -10.05 7.08
N SER A 365 23.34 -10.42 7.89
CA SER A 365 22.82 -11.78 7.94
C SER A 365 22.15 -12.19 6.61
N LEU A 366 21.46 -11.25 6.00
CA LEU A 366 20.91 -11.41 4.66
C LEU A 366 22.02 -11.62 3.63
N LEU A 367 23.00 -10.71 3.63
CA LEU A 367 24.16 -10.79 2.75
C LEU A 367 24.91 -12.12 2.87
N ILE A 368 25.29 -12.45 4.10
CA ILE A 368 26.15 -13.59 4.33
C ILE A 368 25.40 -14.92 4.32
N GLY A 369 24.27 -14.98 5.02
CA GLY A 369 23.53 -16.23 5.09
C GLY A 369 22.73 -16.55 3.83
N GLU A 370 22.17 -15.54 3.17
CA GLU A 370 21.37 -15.80 1.97
C GLU A 370 22.18 -15.63 0.71
N PHE A 371 22.67 -14.43 0.47
CA PHE A 371 23.39 -14.22 -0.78
C PHE A 371 24.66 -15.06 -0.91
N MET A 372 25.47 -15.12 0.15
CA MET A 372 26.69 -15.90 0.09
C MET A 372 26.50 -17.38 0.46
N GLY A 373 25.32 -17.75 0.96
CA GLY A 373 25.03 -19.16 1.21
C GLY A 373 25.32 -19.70 2.61
N TRP A 374 25.84 -18.85 3.50
CA TRP A 374 26.29 -19.35 4.81
C TRP A 374 25.11 -19.41 5.76
N ARG A 375 24.23 -20.38 5.48
CA ARG A 375 22.92 -20.51 6.11
C ARG A 375 22.97 -20.45 7.64
N GLU A 376 23.93 -21.17 8.21
CA GLU A 376 24.09 -21.31 9.67
C GLU A 376 24.30 -19.95 10.37
N VAL A 377 24.97 -19.02 9.67
CA VAL A 377 25.19 -17.67 10.21
C VAL A 377 23.88 -16.93 10.44
N LYS A 378 22.97 -17.04 9.46
CA LYS A 378 21.65 -16.45 9.57
C LYS A 378 20.86 -17.10 10.70
N SER A 379 20.85 -18.43 10.73
CA SER A 379 20.19 -19.15 11.81
C SER A 379 20.59 -18.68 13.20
N ILE A 380 21.90 -18.59 13.46
CA ILE A 380 22.37 -18.24 14.80
C ILE A 380 22.12 -16.75 15.15
N VAL A 381 22.20 -15.89 14.14
CA VAL A 381 21.95 -14.47 14.36
C VAL A 381 20.47 -14.23 14.72
N GLU A 382 19.56 -14.87 14.00
CA GLU A 382 18.13 -14.71 14.25
C GLU A 382 17.75 -15.25 15.60
N TYR A 383 18.34 -16.39 15.95
CA TYR A 383 18.19 -17.00 17.24
C TYR A 383 18.55 -16.01 18.34
N ALA A 384 19.68 -15.32 18.19
CA ALA A 384 20.21 -14.44 19.23
C ALA A 384 19.32 -13.21 19.43
N ILE A 385 18.87 -12.64 18.32
CA ILE A 385 17.98 -11.48 18.37
C ILE A 385 16.67 -11.87 19.00
N ARG A 386 16.13 -13.04 18.63
CA ARG A 386 14.90 -13.53 19.25
C ARG A 386 15.07 -13.68 20.77
N LYS A 387 16.20 -14.26 21.17
CA LYS A 387 16.45 -14.52 22.59
C LYS A 387 16.55 -13.21 23.36
N ALA A 388 17.19 -12.21 22.77
CA ALA A 388 17.35 -10.88 23.37
C ALA A 388 15.99 -10.21 23.57
N VAL A 389 15.18 -10.23 22.52
CA VAL A 389 13.80 -9.77 22.58
C VAL A 389 13.01 -10.48 23.69
N GLN A 390 13.04 -11.82 23.67
CA GLN A 390 12.36 -12.66 24.67
C GLN A 390 12.85 -12.36 26.10
N SER A 391 14.15 -12.11 26.22
CA SER A 391 14.78 -11.81 27.50
C SER A 391 14.60 -10.36 27.91
N LYS A 392 14.11 -9.53 26.99
CA LYS A 392 13.94 -8.08 27.22
C LYS A 392 15.28 -7.37 27.42
N LYS A 393 16.30 -7.85 26.73
CA LYS A 393 17.62 -7.23 26.69
C LYS A 393 17.74 -6.53 25.34
N VAL A 394 17.30 -5.27 25.29
CA VAL A 394 17.07 -4.55 24.04
C VAL A 394 17.41 -3.06 24.15
N THR A 395 17.62 -2.43 23.00
CA THR A 395 17.84 -1.00 22.90
C THR A 395 16.51 -0.25 23.11
N GLN A 396 16.58 1.06 23.35
CA GLN A 396 15.42 1.79 23.84
C GLN A 396 14.21 1.78 22.92
N ASP A 397 14.42 1.67 21.61
CA ASP A 397 13.29 1.64 20.67
C ASP A 397 12.35 0.48 20.99
N LEU A 398 12.93 -0.67 21.38
CA LEU A 398 12.09 -1.79 21.78
C LEU A 398 11.69 -1.66 23.26
N ALA A 399 12.65 -1.28 24.10
CA ALA A 399 12.44 -1.22 25.55
C ALA A 399 11.37 -0.23 25.98
N ARG A 400 11.23 0.85 25.21
CA ARG A 400 10.21 1.87 25.49
C ARG A 400 8.77 1.33 25.40
N HIS A 401 8.61 0.16 24.76
CA HIS A 401 7.30 -0.48 24.65
C HIS A 401 7.13 -1.64 25.63
N MET A 402 8.14 -1.80 26.50
CA MET A 402 8.17 -2.85 27.52
C MET A 402 8.27 -2.24 28.90
N PRO A 403 7.15 -2.07 29.61
CA PRO A 403 7.13 -1.33 30.87
C PRO A 403 8.25 -1.76 31.85
N GLY A 404 9.02 -0.79 32.32
CA GLY A 404 9.94 -0.99 33.44
C GLY A 404 11.32 -1.51 33.06
N VAL A 405 11.48 -1.80 31.79
CA VAL A 405 12.75 -2.33 31.28
C VAL A 405 13.82 -1.26 31.10
N GLN A 406 14.99 -1.49 31.69
CA GLN A 406 16.16 -0.65 31.48
C GLN A 406 16.71 -0.97 30.08
N PRO A 407 16.67 0.01 29.18
CA PRO A 407 17.18 -0.21 27.82
C PRO A 407 18.68 -0.43 27.78
N LEU A 408 19.14 -1.17 26.78
CA LEU A 408 20.56 -1.34 26.59
C LEU A 408 21.08 -0.32 25.60
N ARG A 409 22.27 0.18 25.89
CA ARG A 409 23.05 0.92 24.91
C ARG A 409 23.32 0.00 23.70
N THR A 410 23.57 0.60 22.54
CA THR A 410 23.96 -0.16 21.37
C THR A 410 25.06 -1.18 21.66
N SER A 411 26.12 -0.75 22.34
CA SER A 411 27.30 -1.57 22.57
C SER A 411 27.01 -2.73 23.54
N GLU A 412 26.17 -2.46 24.53
CA GLU A 412 25.69 -3.49 25.44
C GLU A 412 24.85 -4.54 24.69
N TYR A 413 23.96 -4.08 23.82
CA TYR A 413 23.10 -4.99 23.06
C TYR A 413 23.96 -5.89 22.14
N THR A 414 24.98 -5.30 21.54
CA THR A 414 25.96 -6.04 20.75
C THR A 414 26.57 -7.18 21.56
N GLU A 415 27.01 -6.87 22.79
CA GLU A 415 27.65 -7.86 23.62
C GLU A 415 26.68 -8.94 24.10
N THR A 416 25.44 -8.54 24.33
CA THR A 416 24.36 -9.48 24.63
C THR A 416 24.16 -10.49 23.48
N LEU A 417 24.12 -10.01 22.24
CA LEU A 417 23.94 -10.93 21.12
C LEU A 417 25.15 -11.85 21.00
N ILE A 418 26.37 -11.31 21.18
CA ILE A 418 27.61 -12.09 21.09
C ILE A 418 27.55 -13.20 22.15
N ALA A 419 27.11 -12.84 23.36
CA ALA A 419 27.04 -13.80 24.47
C ALA A 419 26.04 -14.92 24.15
N TYR A 420 24.87 -14.56 23.62
CA TYR A 420 23.89 -15.58 23.21
C TYR A 420 24.46 -16.53 22.13
N ILE A 421 25.16 -15.95 21.15
CA ILE A 421 25.77 -16.68 20.06
C ILE A 421 26.83 -17.64 20.63
N ASP A 422 27.71 -17.11 21.48
CA ASP A 422 28.78 -17.89 22.12
C ASP A 422 28.24 -19.02 22.98
N GLU A 423 27.10 -18.79 23.62
CA GLU A 423 26.50 -19.75 24.54
C GLU A 423 25.56 -20.74 23.85
N ALA A 424 25.19 -20.44 22.60
CA ALA A 424 24.20 -21.20 21.87
C ALA A 424 24.45 -22.72 21.85
N ASP A 425 23.38 -23.50 21.98
CA ASP A 425 23.40 -24.96 21.81
C ASP A 425 23.09 -25.30 20.34
N LEU A 426 24.14 -25.62 19.60
CA LEU A 426 24.05 -25.76 18.14
C LEU A 426 23.13 -26.91 17.65
N ASN A 427 23.01 -27.97 18.45
CA ASN A 427 22.09 -29.08 18.14
C ASN A 427 20.65 -28.61 18.01
N GLU A 428 20.30 -27.61 18.80
CA GLU A 428 18.95 -27.06 18.75
C GLU A 428 18.88 -25.96 17.72
N VAL A 429 19.78 -24.99 17.82
CA VAL A 429 19.71 -23.81 16.96
C VAL A 429 19.90 -24.17 15.48
N LEU A 430 20.71 -25.19 15.20
CA LEU A 430 20.99 -25.57 13.82
C LEU A 430 20.28 -26.85 13.33
N ALA A 431 19.31 -27.34 14.10
CA ALA A 431 18.51 -28.52 13.71
C ALA A 431 17.89 -28.31 12.32
N GLY A 432 18.14 -29.25 11.42
CA GLY A 432 17.74 -29.12 10.02
C GLY A 432 18.28 -27.91 9.24
N LYS A 433 19.29 -27.23 9.78
CA LYS A 433 19.74 -25.97 9.20
C LYS A 433 21.20 -25.93 8.74
N ARG A 434 21.81 -27.10 8.60
CA ARG A 434 23.24 -27.20 8.30
C ARG A 434 23.55 -27.66 6.88
N GLY A 435 24.64 -27.14 6.33
CA GLY A 435 25.14 -27.54 5.02
C GLY A 435 24.34 -26.95 3.87
N PRO B 7 -41.40 2.96 -13.87
CA PRO B 7 -39.98 3.46 -13.81
C PRO B 7 -39.47 3.81 -15.21
N PRO B 8 -38.91 5.02 -15.37
CA PRO B 8 -38.61 5.61 -16.69
C PRO B 8 -37.57 4.90 -17.57
N CYS B 9 -37.82 4.94 -18.89
CA CYS B 9 -36.94 4.31 -19.89
C CYS B 9 -36.35 5.31 -20.93
N THR B 10 -36.95 6.51 -20.95
CA THR B 10 -36.45 7.62 -21.76
C THR B 10 -36.53 8.93 -20.98
N THR B 11 -35.66 9.90 -21.36
CA THR B 11 -35.53 11.20 -20.67
C THR B 11 -36.86 11.97 -20.52
N GLU B 12 -37.81 11.69 -21.42
CA GLU B 12 -39.11 12.33 -21.37
C GLU B 12 -40.07 11.63 -20.41
N GLU B 13 -39.76 10.34 -20.13
CA GLU B 13 -40.54 9.47 -19.21
C GLU B 13 -40.22 9.93 -17.80
N LEU B 14 -39.00 10.42 -17.58
CA LEU B 14 -38.56 11.03 -16.27
C LEU B 14 -39.68 11.42 -15.25
N SER B 15 -40.27 10.51 -14.46
CA SER B 15 -41.35 10.93 -13.57
C SER B 15 -41.13 10.50 -12.13
N PRO B 16 -40.61 11.42 -11.31
CA PRO B 16 -40.39 11.18 -9.87
C PRO B 16 -41.71 11.01 -9.11
N PRO B 17 -41.69 10.30 -7.98
CA PRO B 17 -42.92 10.08 -7.19
C PRO B 17 -43.50 11.41 -6.72
N PRO B 18 -44.83 11.52 -6.71
CA PRO B 18 -45.51 12.77 -6.33
C PRO B 18 -45.23 13.22 -4.89
N GLY B 19 -45.27 12.20 -3.96
CA GLY B 19 -45.15 12.50 -2.54
C GLY B 19 -43.76 12.91 -2.08
N GLY B 20 -42.99 13.68 -2.86
CA GLY B 20 -41.60 13.97 -2.54
C GLY B 20 -41.03 15.19 -3.29
N SER B 21 -40.27 16.00 -2.60
CA SER B 21 -39.66 17.18 -3.18
C SER B 21 -38.20 16.88 -3.58
N LEU B 22 -37.69 17.57 -4.58
CA LEU B 22 -36.34 17.35 -5.08
C LEU B 22 -35.28 18.02 -4.25
N VAL B 23 -34.12 17.37 -4.15
CA VAL B 23 -32.96 17.94 -3.48
C VAL B 23 -32.36 18.96 -4.44
N GLU B 24 -32.03 20.12 -3.91
CA GLU B 24 -31.60 21.20 -4.76
C GLU B 24 -30.10 21.58 -4.70
N TYR B 25 -29.59 22.01 -5.86
CA TYR B 25 -28.25 22.58 -5.99
C TYR B 25 -28.41 23.86 -6.81
N SER B 26 -27.76 24.93 -6.35
CA SER B 26 -27.83 26.21 -7.05
C SER B 26 -27.15 27.31 -6.24
N GLY B 27 -25.87 27.12 -5.93
CA GLY B 27 -25.12 28.12 -5.21
C GLY B 27 -24.47 27.60 -3.94
N GLY B 28 -23.48 26.75 -4.10
CA GLY B 28 -22.69 26.25 -2.99
C GLY B 28 -23.41 25.27 -2.05
N SER B 29 -24.58 25.65 -1.54
CA SER B 29 -25.32 24.84 -0.58
C SER B 29 -26.28 23.85 -1.24
N LEU B 30 -26.29 22.62 -0.72
CA LEU B 30 -27.26 21.60 -1.10
C LEU B 30 -28.50 21.72 -0.21
N ARG B 31 -29.68 21.74 -0.85
CA ARG B 31 -30.94 21.93 -0.13
C ARG B 31 -31.73 20.63 0.01
N VAL B 32 -31.86 20.15 1.24
CA VAL B 32 -32.56 18.90 1.52
C VAL B 32 -33.84 19.15 2.31
N PRO B 33 -34.98 18.79 1.73
CA PRO B 33 -36.27 18.94 2.41
C PRO B 33 -36.57 17.74 3.32
N ASP B 34 -37.72 17.77 3.98
CA ASP B 34 -38.15 16.72 4.86
C ASP B 34 -38.71 15.49 4.08
N ASN B 35 -39.30 15.67 2.90
CA ASN B 35 -39.77 14.52 2.09
C ASN B 35 -38.91 14.47 0.82
N PRO B 36 -37.65 14.06 0.89
CA PRO B 36 -36.73 14.11 -0.24
C PRO B 36 -36.83 12.89 -1.16
N VAL B 37 -36.80 13.18 -2.50
CA VAL B 37 -36.71 12.10 -3.50
C VAL B 37 -35.21 11.63 -3.58
N VAL B 38 -34.95 10.30 -3.37
CA VAL B 38 -33.62 9.65 -3.50
C VAL B 38 -33.77 8.53 -4.55
N ALA B 39 -33.01 8.67 -5.63
CA ALA B 39 -33.03 7.65 -6.63
C ALA B 39 -32.36 6.37 -6.11
N PHE B 40 -32.93 5.21 -6.43
CA PHE B 40 -32.31 3.94 -6.07
C PHE B 40 -32.23 3.05 -7.31
N ILE B 41 -31.09 2.39 -7.47
CA ILE B 41 -30.87 1.45 -8.56
C ILE B 41 -30.68 0.07 -7.94
N ARG B 42 -31.30 -0.94 -8.52
CA ARG B 42 -31.22 -2.30 -7.99
C ARG B 42 -29.89 -2.99 -8.33
N GLY B 43 -29.42 -2.82 -9.56
CA GLY B 43 -28.16 -3.41 -9.98
C GLY B 43 -28.26 -4.88 -10.34
N ASP B 44 -27.12 -5.57 -10.31
CA ASP B 44 -27.01 -6.96 -10.73
C ASP B 44 -26.54 -7.90 -9.62
N GLY B 45 -26.72 -9.21 -9.84
CA GLY B 45 -26.35 -10.23 -8.89
C GLY B 45 -26.98 -10.03 -7.52
N VAL B 46 -26.14 -9.88 -6.51
CA VAL B 46 -26.57 -9.68 -5.12
C VAL B 46 -27.16 -8.28 -4.88
N GLY B 47 -27.07 -7.43 -5.89
CA GLY B 47 -27.56 -6.06 -5.83
C GLY B 47 -29.02 -5.85 -5.46
N PRO B 48 -29.96 -6.38 -6.25
CA PRO B 48 -31.38 -6.36 -5.87
C PRO B 48 -31.57 -6.89 -4.44
N GLU B 49 -30.86 -7.97 -4.11
CA GLU B 49 -30.86 -8.57 -2.77
C GLU B 49 -30.48 -7.58 -1.66
N VAL B 50 -29.46 -6.76 -1.92
CA VAL B 50 -28.92 -5.92 -0.86
C VAL B 50 -29.48 -4.50 -0.86
N VAL B 51 -29.91 -4.02 -2.02
CA VAL B 51 -30.53 -2.70 -2.16
C VAL B 51 -31.94 -2.69 -1.52
N GLU B 52 -32.71 -3.75 -1.78
CA GLU B 52 -34.01 -3.95 -1.14
C GLU B 52 -33.81 -4.14 0.37
N SER B 53 -32.69 -4.78 0.74
CA SER B 53 -32.35 -4.94 2.14
C SER B 53 -32.14 -3.58 2.80
N ALA B 54 -31.47 -2.67 2.09
CA ALA B 54 -31.14 -1.34 2.62
C ALA B 54 -32.37 -0.40 2.76
N LEU B 55 -33.17 -0.33 1.70
CA LEU B 55 -34.38 0.49 1.70
C LEU B 55 -35.33 0.18 2.89
N LYS B 56 -35.45 -1.11 3.20
CA LYS B 56 -36.22 -1.58 4.36
C LYS B 56 -35.59 -1.18 5.68
N VAL B 57 -34.25 -1.26 5.75
CA VAL B 57 -33.57 -0.88 6.94
C VAL B 57 -33.60 0.65 7.16
N VAL B 58 -33.02 1.44 6.21
CA VAL B 58 -32.99 2.94 6.29
C VAL B 58 -34.35 3.57 6.65
N ASP B 59 -35.43 3.02 5.99
CA ASP B 59 -36.87 3.47 6.10
C ASP B 59 -37.56 3.08 7.42
N ALA B 60 -36.97 2.14 8.17
CA ALA B 60 -37.45 1.82 9.52
C ALA B 60 -36.74 2.77 10.46
N ALA B 61 -35.64 3.28 9.99
CA ALA B 61 -34.87 4.24 10.77
C ALA B 61 -35.45 5.60 10.62
N VAL B 62 -35.30 6.10 9.39
CA VAL B 62 -35.73 7.49 9.16
C VAL B 62 -37.06 7.75 9.87
N LYS B 63 -37.95 6.76 9.88
CA LYS B 63 -39.26 6.88 10.54
C LYS B 63 -39.11 6.82 12.05
N LYS B 64 -38.25 5.91 12.53
CA LYS B 64 -38.00 5.74 13.96
C LYS B 64 -37.15 6.85 14.56
N VAL B 65 -36.39 7.54 13.70
CA VAL B 65 -35.47 8.59 14.13
C VAL B 65 -36.15 9.96 14.27
N TYR B 66 -36.94 10.33 13.27
CA TYR B 66 -37.55 11.66 13.23
C TYR B 66 -39.02 11.67 13.67
N GLY B 67 -39.52 10.50 14.05
CA GLY B 67 -40.87 10.38 14.58
C GLY B 67 -41.99 10.44 13.55
N GLY B 68 -41.65 10.65 12.27
CA GLY B 68 -42.64 10.69 11.21
C GLY B 68 -42.71 11.98 10.40
N SER B 69 -42.08 13.04 10.90
CA SER B 69 -41.98 14.32 10.18
C SER B 69 -41.18 14.18 8.88
N ARG B 70 -40.15 13.32 8.87
CA ARG B 70 -39.41 13.04 7.66
C ARG B 70 -39.92 11.74 7.07
N ARG B 71 -39.85 11.65 5.72
CA ARG B 71 -40.26 10.48 4.97
C ARG B 71 -39.45 10.44 3.66
N ILE B 72 -38.51 9.50 3.55
CA ILE B 72 -37.74 9.30 2.33
C ILE B 72 -38.64 8.75 1.23
N VAL B 73 -38.55 9.38 0.06
CA VAL B 73 -39.31 8.91 -1.10
C VAL B 73 -38.35 8.23 -2.07
N TRP B 74 -38.50 6.91 -2.17
CA TRP B 74 -37.66 6.10 -3.03
C TRP B 74 -38.11 6.14 -4.48
N TRP B 75 -37.16 6.41 -5.38
CA TRP B 75 -37.41 6.56 -6.81
C TRP B 75 -36.54 5.56 -7.58
N GLU B 76 -37.18 4.66 -8.36
CA GLU B 76 -36.43 3.63 -9.09
C GLU B 76 -35.86 4.12 -10.41
N LEU B 77 -34.56 3.88 -10.61
CA LEU B 77 -33.92 4.00 -11.92
C LEU B 77 -33.28 2.65 -12.29
N LEU B 78 -33.22 2.38 -13.59
CA LEU B 78 -32.82 1.07 -14.09
C LEU B 78 -31.37 1.08 -14.60
N ALA B 79 -30.58 0.13 -14.12
CA ALA B 79 -29.24 -0.13 -14.68
C ALA B 79 -28.89 -1.61 -14.57
N GLY B 80 -28.30 -2.15 -15.63
CA GLY B 80 -27.82 -3.51 -15.65
C GLY B 80 -28.77 -4.46 -16.35
N HIS B 81 -29.09 -5.57 -15.70
CA HIS B 81 -29.97 -6.57 -16.29
C HIS B 81 -31.42 -6.09 -16.36
N LEU B 82 -31.86 -5.34 -15.36
CA LEU B 82 -33.23 -4.83 -15.29
C LEU B 82 -33.52 -3.80 -16.38
N ALA B 83 -32.51 -2.97 -16.66
CA ALA B 83 -32.58 -2.00 -17.75
C ALA B 83 -32.60 -2.68 -19.12
N ARG B 84 -31.74 -3.68 -19.28
CA ARG B 84 -31.67 -4.47 -20.52
C ARG B 84 -32.93 -5.28 -20.76
N GLU B 85 -33.61 -5.68 -19.68
CA GLU B 85 -34.85 -6.43 -19.75
C GLU B 85 -36.04 -5.56 -20.19
N LYS B 86 -36.00 -4.28 -19.82
CA LYS B 86 -37.08 -3.35 -20.12
C LYS B 86 -36.74 -2.43 -21.30
N CYS B 87 -35.85 -1.47 -21.05
CA CYS B 87 -35.45 -0.45 -22.02
C CYS B 87 -34.65 -1.03 -23.19
N GLY B 88 -33.91 -2.11 -22.93
CA GLY B 88 -33.13 -2.78 -23.97
C GLY B 88 -31.68 -2.33 -24.06
N GLU B 89 -31.18 -1.71 -22.99
CA GLU B 89 -29.77 -1.32 -22.89
C GLU B 89 -29.26 -1.39 -21.45
N LEU B 90 -27.95 -1.55 -21.32
CA LEU B 90 -27.29 -1.72 -20.02
C LEU B 90 -27.30 -0.43 -19.19
N LEU B 91 -26.94 0.67 -19.84
CA LEU B 91 -27.05 2.01 -19.25
C LEU B 91 -27.82 2.94 -20.18
N PRO B 92 -29.05 3.28 -19.79
CA PRO B 92 -29.86 4.27 -20.52
C PRO B 92 -29.55 5.69 -20.10
N LYS B 93 -29.85 6.64 -20.98
CA LYS B 93 -29.61 8.06 -20.70
C LYS B 93 -30.53 8.60 -19.60
N ALA B 94 -31.76 8.04 -19.56
CA ALA B 94 -32.81 8.42 -18.59
C ALA B 94 -32.43 8.17 -17.14
N THR B 95 -31.54 7.19 -16.93
CA THR B 95 -30.94 6.90 -15.62
C THR B 95 -30.02 8.04 -15.18
N LEU B 96 -29.11 8.44 -16.07
CA LEU B 96 -28.14 9.51 -15.79
C LEU B 96 -28.84 10.84 -15.51
N GLU B 97 -29.88 11.14 -16.30
CA GLU B 97 -30.66 12.38 -16.13
C GLU B 97 -31.57 12.34 -14.90
N GLY B 98 -31.99 11.09 -14.57
CA GLY B 98 -32.70 10.81 -13.33
C GLY B 98 -31.88 11.11 -12.10
N ILE B 99 -30.63 10.64 -12.08
CA ILE B 99 -29.69 10.96 -11.01
C ILE B 99 -29.39 12.46 -11.03
N ARG B 100 -29.34 13.04 -12.24
CA ARG B 100 -28.97 14.46 -12.39
C ARG B 100 -30.00 15.41 -11.79
N LEU B 101 -31.27 15.02 -11.85
CA LEU B 101 -32.35 15.84 -11.30
C LEU B 101 -32.52 15.60 -9.80
N ALA B 102 -32.32 14.35 -9.37
CA ALA B 102 -32.44 13.95 -7.96
C ALA B 102 -31.24 14.40 -7.13
N ARG B 103 -30.09 14.49 -7.77
CA ARG B 103 -28.80 14.85 -7.15
C ARG B 103 -28.25 13.71 -6.28
N VAL B 104 -29.17 12.92 -5.68
CA VAL B 104 -28.73 11.82 -4.80
C VAL B 104 -29.29 10.47 -5.26
N ALA B 105 -28.45 9.43 -5.22
CA ALA B 105 -28.84 8.08 -5.63
C ALA B 105 -28.08 6.98 -4.88
N LEU B 106 -28.76 5.86 -4.66
CA LEU B 106 -28.12 4.69 -4.07
C LEU B 106 -28.09 3.58 -5.13
N LYS B 107 -27.07 2.72 -5.04
CA LYS B 107 -26.75 1.84 -6.14
C LYS B 107 -26.19 0.51 -5.65
N GLY B 108 -26.65 -0.58 -6.27
CA GLY B 108 -26.06 -1.90 -6.07
C GLY B 108 -24.90 -2.08 -7.04
N PRO B 109 -24.17 -3.19 -6.93
CA PRO B 109 -23.10 -3.50 -7.90
C PRO B 109 -23.62 -3.80 -9.31
N LEU B 110 -22.79 -3.50 -10.31
CA LEU B 110 -23.14 -3.79 -11.69
C LEU B 110 -22.12 -4.74 -12.34
N GLU B 111 -22.62 -5.63 -13.19
CA GLU B 111 -21.76 -6.54 -13.96
C GLU B 111 -21.20 -5.82 -15.17
N THR B 112 -19.96 -6.13 -15.53
CA THR B 112 -19.35 -5.58 -16.73
C THR B 112 -18.97 -6.69 -17.75
N PRO B 113 -19.82 -6.94 -18.75
CA PRO B 113 -19.51 -7.92 -19.79
C PRO B 113 -18.52 -7.39 -20.83
N SER B 120 -15.82 -0.68 -17.19
CA SER B 120 -16.99 -0.99 -16.39
C SER B 120 -18.09 0.07 -16.56
N LEU B 121 -19.34 -0.34 -16.33
CA LEU B 121 -20.48 0.57 -16.36
C LEU B 121 -20.47 1.58 -15.22
N ASN B 122 -19.78 1.24 -14.13
CA ASN B 122 -19.57 2.17 -13.01
C ASN B 122 -18.87 3.45 -13.46
N VAL B 123 -17.88 3.29 -14.33
CA VAL B 123 -17.06 4.39 -14.82
C VAL B 123 -17.86 5.33 -15.73
N ALA B 124 -18.75 4.75 -16.53
CA ALA B 124 -19.61 5.55 -17.40
C ALA B 124 -20.47 6.51 -16.56
N ILE B 125 -21.13 5.99 -15.52
CA ILE B 125 -21.92 6.81 -14.58
C ILE B 125 -21.08 7.95 -14.02
N ARG B 126 -19.91 7.59 -13.48
CA ARG B 126 -18.98 8.56 -12.91
C ARG B 126 -18.60 9.65 -13.90
N GLN B 127 -18.21 9.24 -15.11
CA GLN B 127 -17.70 10.14 -16.15
C GLN B 127 -18.80 11.07 -16.68
N ALA B 128 -20.03 10.57 -16.71
CA ALA B 128 -21.18 11.33 -17.22
C ALA B 128 -21.71 12.35 -16.22
N LEU B 129 -21.55 12.07 -14.92
CA LEU B 129 -22.03 12.98 -13.86
C LEU B 129 -20.89 13.75 -13.17
N ASP B 130 -19.66 13.54 -13.65
CA ASP B 130 -18.47 14.15 -13.07
C ASP B 130 -18.34 13.81 -11.58
N LEU B 131 -18.45 12.52 -11.27
CA LEU B 131 -18.35 12.04 -9.91
C LEU B 131 -16.87 11.83 -9.57
N TYR B 132 -16.19 12.94 -9.38
CA TYR B 132 -14.73 12.97 -9.26
C TYR B 132 -14.19 12.46 -7.94
N ALA B 133 -15.01 12.49 -6.88
CA ALA B 133 -14.54 12.11 -5.55
C ALA B 133 -15.05 10.76 -5.06
N ASN B 134 -14.14 9.81 -4.86
CA ASN B 134 -14.48 8.51 -4.29
C ASN B 134 -14.25 8.54 -2.78
N ILE B 135 -15.33 8.30 -2.04
CA ILE B 135 -15.36 8.46 -0.59
C ILE B 135 -15.60 7.13 0.10
N ARG B 136 -14.63 6.71 0.91
CA ARG B 136 -14.68 5.42 1.57
C ARG B 136 -14.44 5.54 3.06
N PRO B 137 -15.50 5.41 3.85
CA PRO B 137 -15.38 5.36 5.32
C PRO B 137 -14.92 3.98 5.78
N VAL B 138 -14.01 3.92 6.73
CA VAL B 138 -13.58 2.66 7.31
C VAL B 138 -13.67 2.74 8.82
N ARG B 139 -14.50 1.88 9.39
CA ARG B 139 -14.82 1.92 10.81
C ARG B 139 -14.92 0.50 11.34
N TYR B 140 -14.80 0.38 12.66
CA TYR B 140 -14.82 -0.94 13.30
C TYR B 140 -16.18 -1.17 13.95
N TYR B 141 -16.78 -2.32 13.66
CA TYR B 141 -18.12 -2.65 14.18
C TYR B 141 -18.08 -3.83 15.17
N GLY B 142 -16.87 -4.20 15.60
CA GLY B 142 -16.68 -5.22 16.63
C GLY B 142 -16.43 -6.63 16.10
N GLN B 143 -16.41 -6.79 14.79
CA GLN B 143 -16.14 -8.10 14.19
C GLN B 143 -14.75 -8.64 14.57
N PRO B 144 -14.48 -9.93 14.28
CA PRO B 144 -13.14 -10.49 14.49
C PRO B 144 -12.22 -9.79 13.52
N ALA B 145 -11.08 -9.33 13.99
CA ALA B 145 -10.18 -8.53 13.17
C ALA B 145 -8.71 -8.85 13.45
N PRO B 146 -7.87 -8.79 12.41
CA PRO B 146 -6.44 -9.07 12.57
C PRO B 146 -5.62 -7.95 13.22
N HIS B 147 -6.15 -6.74 13.25
CA HIS B 147 -5.46 -5.58 13.83
C HIS B 147 -5.79 -5.50 15.32
N LYS B 148 -4.75 -5.50 16.16
CA LYS B 148 -4.95 -5.30 17.60
C LYS B 148 -5.66 -3.97 17.90
N TYR B 149 -5.51 -3.00 17.00
CA TYR B 149 -6.05 -1.64 17.17
C TYR B 149 -7.17 -1.37 16.19
N ALA B 150 -7.88 -2.42 15.81
CA ALA B 150 -9.00 -2.30 14.89
C ALA B 150 -9.99 -1.24 15.36
N ASP B 151 -10.21 -1.21 16.68
CA ASP B 151 -11.18 -0.30 17.27
C ASP B 151 -10.74 1.16 17.28
N ARG B 152 -9.49 1.41 16.91
CA ARG B 152 -9.06 2.79 16.75
C ARG B 152 -8.88 3.22 15.30
N VAL B 153 -9.46 2.41 14.41
CA VAL B 153 -9.58 2.81 13.02
C VAL B 153 -10.95 3.45 12.82
N ASP B 154 -10.95 4.74 12.56
CA ASP B 154 -12.16 5.50 12.28
C ASP B 154 -11.77 6.55 11.26
N MET B 155 -11.84 6.14 9.99
CA MET B 155 -11.21 6.89 8.92
C MET B 155 -12.18 7.07 7.76
N VAL B 156 -11.91 8.10 6.94
CA VAL B 156 -12.61 8.26 5.67
C VAL B 156 -11.57 8.61 4.61
N ILE B 157 -11.60 7.87 3.51
CA ILE B 157 -10.62 8.09 2.46
C ILE B 157 -11.28 8.91 1.34
N PHE B 158 -10.69 10.07 1.07
CA PHE B 158 -11.12 10.89 -0.06
C PHE B 158 -10.12 10.65 -1.17
N ARG B 159 -10.57 9.91 -2.20
CA ARG B 159 -9.71 9.44 -3.27
C ARG B 159 -10.10 10.11 -4.60
N GLU B 160 -9.14 10.78 -5.23
CA GLU B 160 -9.35 11.41 -6.53
C GLU B 160 -9.62 10.31 -7.53
N ASN B 161 -10.76 10.37 -8.21
CA ASN B 161 -11.20 9.23 -9.01
C ASN B 161 -11.26 9.44 -10.53
N THR B 162 -10.47 10.38 -11.07
CA THR B 162 -10.50 10.64 -12.53
C THR B 162 -9.15 10.63 -13.22
N GLU B 163 -8.08 10.87 -12.47
CA GLU B 163 -6.77 10.95 -13.09
C GLU B 163 -5.86 9.82 -12.62
N ASP B 164 -4.55 10.08 -12.65
CA ASP B 164 -3.53 9.15 -12.18
C ASP B 164 -3.39 8.07 -13.24
N VAL B 165 -2.58 7.07 -12.93
CA VAL B 165 -2.35 5.95 -13.82
C VAL B 165 -3.61 5.13 -14.13
N TYR B 166 -4.67 5.34 -13.34
CA TYR B 166 -5.96 4.66 -13.54
C TYR B 166 -6.81 5.28 -14.66
N ALA B 167 -6.36 6.41 -15.22
CA ALA B 167 -7.09 7.04 -16.33
C ALA B 167 -7.03 6.22 -17.63
N GLY B 168 -6.27 5.14 -17.63
CA GLY B 168 -6.18 4.24 -18.77
C GLY B 168 -5.31 4.75 -19.92
N ILE B 169 -4.37 5.66 -19.66
CA ILE B 169 -3.51 6.14 -20.73
C ILE B 169 -2.30 5.22 -20.77
N GLU B 170 -2.28 4.31 -21.74
CA GLU B 170 -1.22 3.30 -21.84
C GLU B 170 -1.23 2.60 -23.19
N TRP B 171 -0.09 2.03 -23.57
CA TRP B 171 0.04 1.30 -24.85
C TRP B 171 0.89 0.03 -24.68
N PRO B 172 0.51 -1.04 -25.39
CA PRO B 172 1.28 -2.29 -25.36
C PRO B 172 2.71 -2.06 -25.81
N HIS B 173 3.62 -2.82 -25.21
CA HIS B 173 5.06 -2.72 -25.52
C HIS B 173 5.39 -2.89 -27.00
N ASP B 174 4.64 -3.74 -27.70
CA ASP B 174 4.93 -4.05 -29.10
C ASP B 174 4.02 -3.31 -30.09
N SER B 175 3.26 -2.33 -29.60
CA SER B 175 2.38 -1.55 -30.46
C SER B 175 3.17 -0.48 -31.23
N PRO B 176 2.72 -0.12 -32.43
CA PRO B 176 3.29 1.02 -33.16
C PRO B 176 3.10 2.35 -32.43
N GLU B 177 2.06 2.45 -31.61
CA GLU B 177 1.74 3.65 -30.86
C GLU B 177 2.84 3.86 -29.78
N ALA B 178 3.18 2.78 -29.06
CA ALA B 178 4.26 2.81 -28.07
C ALA B 178 5.58 3.17 -28.73
N ALA B 179 5.80 2.62 -29.93
CA ALA B 179 7.01 2.92 -30.71
C ALA B 179 7.12 4.41 -31.04
N ARG B 180 6.01 5.02 -31.44
CA ARG B 180 5.95 6.46 -31.70
C ARG B 180 6.21 7.30 -30.46
N ILE B 181 5.69 6.84 -29.32
CA ILE B 181 5.91 7.55 -28.06
C ILE B 181 7.38 7.50 -27.65
N ARG B 182 7.98 6.32 -27.75
CA ARG B 182 9.38 6.08 -27.36
C ARG B 182 10.32 7.00 -28.11
N ARG B 183 10.11 7.09 -29.43
CA ARG B 183 10.97 7.87 -30.31
C ARG B 183 10.76 9.37 -30.11
N PHE B 184 9.51 9.75 -29.87
CA PHE B 184 9.13 11.10 -29.51
C PHE B 184 9.86 11.56 -28.22
N LEU B 185 9.85 10.73 -27.18
CA LEU B 185 10.51 11.02 -25.91
C LEU B 185 12.04 11.06 -26.03
N ALA B 186 12.62 10.09 -26.73
CA ALA B 186 14.06 10.05 -27.04
C ALA B 186 14.54 11.31 -27.74
N GLU B 187 13.97 11.58 -28.91
CA GLU B 187 14.41 12.66 -29.78
C GLU B 187 14.23 14.03 -29.14
N GLU B 188 13.10 14.23 -28.48
CA GLU B 188 12.75 15.54 -27.96
C GLU B 188 13.30 15.79 -26.56
N PHE B 189 13.33 14.75 -25.72
CA PHE B 189 13.73 14.91 -24.33
C PHE B 189 14.90 14.03 -23.87
N GLY B 190 15.53 13.30 -24.79
CA GLY B 190 16.62 12.40 -24.43
C GLY B 190 16.25 11.41 -23.33
N ILE B 191 14.98 11.02 -23.31
CA ILE B 191 14.49 10.03 -22.38
C ILE B 191 14.69 8.65 -23.04
N SER B 192 15.30 7.70 -22.35
CA SER B 192 15.39 6.38 -22.96
C SER B 192 14.47 5.38 -22.24
N ILE B 193 13.67 4.75 -23.03
CA ILE B 193 12.81 3.72 -22.57
C ILE B 193 13.11 2.54 -23.47
N ARG B 194 13.20 1.35 -22.91
CA ARG B 194 13.49 0.12 -23.67
C ARG B 194 12.41 -0.16 -24.72
N GLU B 195 12.80 -0.87 -25.77
CA GLU B 195 11.92 -1.23 -26.85
C GLU B 195 10.89 -2.26 -26.41
N ASP B 196 11.26 -3.10 -25.45
CA ASP B 196 10.36 -4.10 -24.91
C ASP B 196 9.60 -3.61 -23.66
N ALA B 197 9.39 -2.30 -23.54
CA ALA B 197 8.64 -1.73 -22.41
C ALA B 197 7.24 -1.27 -22.78
N GLY B 198 6.26 -1.71 -21.98
CA GLY B 198 4.94 -1.10 -22.01
C GLY B 198 5.02 0.28 -21.37
N ILE B 199 4.12 1.18 -21.79
CA ILE B 199 4.19 2.57 -21.38
C ILE B 199 2.85 3.11 -20.91
N GLY B 200 2.83 3.62 -19.68
CA GLY B 200 1.66 4.29 -19.15
C GLY B 200 1.98 5.73 -18.88
N VAL B 201 0.93 6.55 -18.79
CA VAL B 201 1.07 7.97 -18.48
C VAL B 201 0.29 8.31 -17.21
N LYS B 202 0.88 9.17 -16.37
CA LYS B 202 0.28 9.53 -15.09
C LYS B 202 0.01 11.04 -15.04
N PRO B 203 -1.22 11.47 -15.34
CA PRO B 203 -1.58 12.88 -15.23
C PRO B 203 -2.14 13.16 -13.84
N ILE B 204 -1.71 14.28 -13.25
CA ILE B 204 -2.31 14.81 -12.01
C ILE B 204 -2.47 16.30 -12.23
N SER B 205 -3.69 16.81 -12.10
CA SER B 205 -3.94 18.25 -12.35
C SER B 205 -4.29 19.07 -11.12
N ARG B 206 -4.03 20.37 -11.23
CA ARG B 206 -4.39 21.33 -10.22
C ARG B 206 -5.90 21.34 -9.99
N PHE B 207 -6.67 21.43 -11.08
CA PHE B 207 -8.13 21.45 -11.00
C PHE B 207 -8.74 20.23 -10.26
N ALA B 208 -8.31 19.02 -10.62
CA ALA B 208 -8.88 17.81 -10.02
C ALA B 208 -8.49 17.68 -8.55
N THR B 209 -7.25 18.05 -8.22
CA THR B 209 -6.72 18.02 -6.87
C THR B 209 -7.46 18.97 -5.95
N ARG B 210 -7.63 20.19 -6.44
CA ARG B 210 -8.32 21.24 -5.72
C ARG B 210 -9.76 20.87 -5.36
N ARG B 211 -10.53 20.42 -6.36
CA ARG B 211 -11.90 19.96 -6.15
C ARG B 211 -11.97 18.90 -5.05
N LEU B 212 -11.10 17.91 -5.14
CA LEU B 212 -11.13 16.80 -4.19
C LEU B 212 -10.83 17.27 -2.75
N MET B 213 -9.79 18.08 -2.60
CA MET B 213 -9.40 18.62 -1.29
C MET B 213 -10.49 19.51 -0.68
N GLU B 214 -11.16 20.30 -1.53
CA GLU B 214 -12.27 21.13 -1.09
C GLU B 214 -13.40 20.29 -0.48
N ARG B 215 -13.71 19.19 -1.15
CA ARG B 215 -14.78 18.28 -0.68
C ARG B 215 -14.34 17.59 0.62
N ALA B 216 -13.07 17.25 0.69
CA ALA B 216 -12.53 16.58 1.86
C ALA B 216 -12.59 17.49 3.10
N LEU B 217 -12.22 18.75 2.92
CA LEU B 217 -12.25 19.78 3.94
C LEU B 217 -13.67 20.09 4.38
N GLU B 218 -14.59 20.21 3.42
CA GLU B 218 -16.00 20.49 3.75
C GLU B 218 -16.57 19.33 4.55
N TRP B 219 -16.17 18.10 4.21
CA TRP B 219 -16.56 16.92 4.96
C TRP B 219 -16.05 16.96 6.40
N ALA B 220 -14.75 17.21 6.55
CA ALA B 220 -14.10 17.41 7.87
C ALA B 220 -14.80 18.47 8.74
N LEU B 221 -15.19 19.58 8.12
CA LEU B 221 -15.89 20.66 8.83
C LEU B 221 -17.27 20.21 9.31
N ARG B 222 -17.98 19.50 8.44
CA ARG B 222 -19.29 18.91 8.73
C ARG B 222 -19.26 17.92 9.91
N ASN B 223 -18.30 17.01 9.90
CA ASN B 223 -18.25 15.97 10.94
C ASN B 223 -17.32 16.25 12.12
N GLY B 224 -16.83 17.50 12.22
CA GLY B 224 -15.88 17.87 13.26
C GLY B 224 -14.60 17.01 13.26
N ASN B 225 -14.13 16.65 12.07
CA ASN B 225 -12.85 15.97 11.99
C ASN B 225 -11.74 16.96 12.34
N THR B 226 -10.69 16.47 12.96
CA THR B 226 -9.65 17.37 13.41
C THR B 226 -8.33 17.15 12.67
N VAL B 227 -8.27 16.12 11.83
CA VAL B 227 -7.08 15.89 11.00
C VAL B 227 -7.43 15.56 9.56
N VAL B 228 -6.79 16.23 8.61
CA VAL B 228 -6.86 15.86 7.21
C VAL B 228 -5.43 15.59 6.74
N THR B 229 -5.20 14.39 6.19
CA THR B 229 -3.85 13.92 5.84
C THR B 229 -3.75 13.67 4.36
N ILE B 230 -2.80 14.33 3.72
CA ILE B 230 -2.54 14.13 2.30
C ILE B 230 -1.55 13.00 2.10
N MET B 231 -1.96 11.98 1.35
CA MET B 231 -1.11 10.81 1.14
C MET B 231 -0.48 10.85 -0.26
N HIS B 232 0.85 10.94 -0.31
CA HIS B 232 1.53 11.21 -1.57
C HIS B 232 2.92 10.59 -1.60
N LYS B 233 3.42 10.32 -2.80
CA LYS B 233 4.81 9.97 -2.99
C LYS B 233 5.56 11.09 -3.74
N GLY B 234 5.49 12.29 -3.16
CA GLY B 234 5.99 13.50 -3.77
C GLY B 234 7.50 13.67 -3.70
N ASN B 235 8.14 12.91 -2.85
CA ASN B 235 9.60 12.91 -2.84
C ASN B 235 10.23 12.23 -4.05
N ILE B 236 9.52 11.29 -4.68
CA ILE B 236 10.01 10.61 -5.89
C ILE B 236 9.31 11.12 -7.16
N MET B 237 8.00 11.28 -7.10
CA MET B 237 7.21 11.81 -8.21
C MET B 237 6.85 13.26 -7.90
N LYS B 238 7.85 14.13 -8.09
CA LYS B 238 7.76 15.54 -7.69
C LYS B 238 6.65 16.30 -8.41
N TYR B 239 6.44 15.99 -9.68
CA TYR B 239 5.60 16.83 -10.53
C TYR B 239 4.18 16.31 -10.70
N THR B 240 3.89 15.14 -10.15
CA THR B 240 2.52 14.63 -10.17
C THR B 240 1.99 14.54 -8.72
N GLU B 241 2.59 13.65 -7.93
CA GLU B 241 2.18 13.44 -6.55
C GLU B 241 2.62 14.57 -5.64
N GLY B 242 3.82 15.08 -5.86
CA GLY B 242 4.31 16.25 -5.15
C GLY B 242 3.50 17.51 -5.43
N ALA B 243 3.11 17.68 -6.70
CA ALA B 243 2.22 18.74 -7.10
C ALA B 243 0.85 18.55 -6.43
N PHE B 244 0.36 17.31 -6.38
CA PHE B 244 -0.88 16.98 -5.68
C PHE B 244 -0.86 17.50 -4.25
N MET B 245 0.21 17.16 -3.53
CA MET B 245 0.37 17.59 -2.15
C MET B 245 0.40 19.13 -2.06
N ARG B 246 1.20 19.75 -2.92
CA ARG B 246 1.34 21.21 -2.90
C ARG B 246 0.03 21.92 -3.21
N TRP B 247 -0.71 21.41 -4.20
CA TRP B 247 -1.99 22.00 -4.57
C TRP B 247 -3.06 21.81 -3.50
N ALA B 248 -3.02 20.68 -2.80
CA ALA B 248 -3.94 20.39 -1.69
C ALA B 248 -3.69 21.32 -0.51
N TYR B 249 -2.43 21.50 -0.13
CA TYR B 249 -2.07 22.46 0.93
C TYR B 249 -2.52 23.85 0.52
N GLU B 250 -2.38 24.15 -0.78
CA GLU B 250 -2.67 25.49 -1.27
C GLU B 250 -4.15 25.87 -1.19
N VAL B 251 -5.06 25.03 -1.69
CA VAL B 251 -6.50 25.31 -1.52
C VAL B 251 -6.91 25.39 -0.07
N ALA B 252 -6.29 24.55 0.77
CA ALA B 252 -6.60 24.50 2.19
C ALA B 252 -6.37 25.87 2.80
N LEU B 253 -5.17 26.40 2.55
CA LEU B 253 -4.77 27.71 3.05
C LEU B 253 -5.53 28.84 2.35
N GLU B 254 -5.92 28.61 1.10
CA GLU B 254 -6.58 29.63 0.30
C GLU B 254 -8.05 29.81 0.69
N LYS B 255 -8.76 28.70 0.90
CA LYS B 255 -10.22 28.75 1.03
C LYS B 255 -10.72 28.37 2.41
N PHE B 256 -9.82 27.85 3.24
CA PHE B 256 -10.16 27.35 4.55
C PHE B 256 -9.18 27.85 5.62
N ARG B 257 -8.47 28.95 5.34
CA ARG B 257 -7.47 29.49 6.25
C ARG B 257 -7.92 29.44 7.73
N GLU B 258 -9.11 29.95 8.04
CA GLU B 258 -9.53 30.11 9.45
C GLU B 258 -9.87 28.78 10.14
N HIS B 259 -10.23 27.77 9.34
CA HIS B 259 -10.58 26.46 9.86
C HIS B 259 -9.40 25.51 9.89
N VAL B 260 -8.25 25.99 9.45
CA VAL B 260 -7.16 25.09 9.17
C VAL B 260 -5.82 25.46 9.78
N VAL B 261 -5.07 24.43 10.13
CA VAL B 261 -3.78 24.57 10.74
C VAL B 261 -2.79 23.54 10.14
N THR B 262 -1.53 23.97 10.03
CA THR B 262 -0.45 23.20 9.42
C THR B 262 0.41 22.60 10.56
N GLU B 263 1.11 21.50 10.30
CA GLU B 263 2.02 20.92 11.32
C GLU B 263 3.09 21.92 11.81
N GLN B 264 3.73 22.63 10.88
CA GLN B 264 4.70 23.68 11.22
C GLN B 264 4.11 24.80 12.07
N GLU B 265 2.91 25.26 11.70
CA GLU B 265 2.20 26.29 12.49
C GLU B 265 1.91 25.82 13.92
N VAL B 266 1.48 24.57 14.07
CA VAL B 266 1.28 23.96 15.38
C VAL B 266 2.58 24.05 16.19
N GLN B 267 3.68 23.69 15.51
CA GLN B 267 5.02 23.69 16.07
C GLN B 267 5.71 25.03 15.77
N GLU B 268 5.06 26.13 16.17
CA GLU B 268 5.59 27.48 16.00
C GLU B 268 4.68 28.49 16.69
N LYS B 269 3.37 28.35 16.46
CA LYS B 269 2.40 29.31 16.98
C LYS B 269 1.63 28.81 18.20
N TYR B 270 1.40 27.49 18.28
CA TYR B 270 0.43 26.96 19.24
C TYR B 270 1.03 26.02 20.29
N GLY B 271 2.33 26.15 20.53
CA GLY B 271 3.02 25.37 21.54
C GLY B 271 3.02 23.86 21.30
N GLY B 272 2.94 23.45 20.03
CA GLY B 272 3.00 22.04 19.69
C GLY B 272 1.68 21.29 19.75
N VAL B 273 0.59 22.03 19.98
CA VAL B 273 -0.74 21.43 20.09
C VAL B 273 -1.70 22.04 19.07
N ARG B 274 -2.45 21.18 18.41
CA ARG B 274 -3.48 21.61 17.47
C ARG B 274 -4.65 22.25 18.25
N PRO B 275 -5.01 23.49 17.92
CA PRO B 275 -6.13 24.18 18.60
C PRO B 275 -7.49 23.53 18.34
N GLU B 276 -8.29 23.34 19.39
CA GLU B 276 -9.66 22.85 19.27
C GLU B 276 -10.45 23.84 18.40
N GLY B 277 -11.31 23.30 17.53
CA GLY B 277 -12.03 24.13 16.57
C GLY B 277 -11.28 24.21 15.25
N LYS B 278 -10.05 23.71 15.22
CA LYS B 278 -9.22 23.78 14.01
C LYS B 278 -8.74 22.42 13.53
N ILE B 279 -8.68 22.29 12.21
CA ILE B 279 -8.30 21.03 11.59
C ILE B 279 -6.81 21.05 11.28
N LEU B 280 -6.10 20.01 11.70
CA LEU B 280 -4.71 19.84 11.33
C LEU B 280 -4.64 19.27 9.91
N VAL B 281 -3.99 20.01 9.02
CA VAL B 281 -3.76 19.54 7.66
C VAL B 281 -2.30 19.10 7.55
N ASN B 282 -2.10 17.80 7.36
CA ASN B 282 -0.74 17.29 7.25
C ASN B 282 -0.54 16.36 6.05
N ASP B 283 0.67 15.81 5.90
CA ASP B 283 0.94 14.95 4.76
C ASP B 283 1.89 13.82 5.18
N ARG B 284 1.76 12.68 4.52
CA ARG B 284 2.59 11.53 4.81
C ARG B 284 3.04 10.90 3.50
N ILE B 285 4.33 10.54 3.41
CA ILE B 285 4.82 9.78 2.28
C ILE B 285 4.01 8.46 2.21
N ALA B 286 3.65 8.06 0.99
CA ALA B 286 2.60 7.05 0.78
C ALA B 286 2.88 5.71 1.46
N ASP B 287 4.12 5.23 1.34
CA ASP B 287 4.47 3.95 1.97
C ASP B 287 4.50 4.11 3.49
N ASN B 288 5.06 5.24 3.98
CA ASN B 288 4.90 5.60 5.40
C ASN B 288 3.44 5.66 5.89
N MET B 289 2.54 6.18 5.06
CA MET B 289 1.12 6.29 5.42
C MET B 289 0.50 4.92 5.70
N LEU B 290 0.88 3.92 4.90
CA LEU B 290 0.47 2.55 5.13
C LEU B 290 0.98 2.07 6.49
N GLN B 291 2.25 2.34 6.79
CA GLN B 291 2.82 1.97 8.09
C GLN B 291 2.11 2.68 9.25
N GLN B 292 1.78 3.96 9.05
CA GLN B 292 1.18 4.76 10.11
C GLN B 292 -0.26 4.35 10.44
N ILE B 293 -1.04 3.93 9.45
CA ILE B 293 -2.41 3.47 9.78
C ILE B 293 -2.35 2.15 10.55
N ILE B 294 -1.25 1.42 10.38
CA ILE B 294 -1.08 0.16 11.06
C ILE B 294 -0.56 0.40 12.47
N THR B 295 0.37 1.34 12.60
CA THR B 295 1.04 1.59 13.87
C THR B 295 0.31 2.57 14.76
N ARG B 296 -0.32 3.57 14.16
CA ARG B 296 -0.89 4.68 14.91
C ARG B 296 -2.22 5.09 14.30
N PRO B 297 -3.17 4.16 14.20
CA PRO B 297 -4.42 4.46 13.49
C PRO B 297 -5.22 5.59 14.12
N TRP B 298 -5.08 5.79 15.42
CA TRP B 298 -5.76 6.88 16.15
C TRP B 298 -5.31 8.28 15.72
N ASP B 299 -4.19 8.36 15.01
CA ASP B 299 -3.60 9.63 14.55
C ASP B 299 -4.23 10.12 13.25
N TYR B 300 -5.12 9.32 12.66
CA TYR B 300 -5.63 9.63 11.32
C TYR B 300 -7.15 9.55 11.24
N GLN B 301 -7.72 10.50 10.53
CA GLN B 301 -9.17 10.57 10.35
C GLN B 301 -9.47 10.65 8.85
N VAL B 302 -9.41 11.85 8.28
CA VAL B 302 -9.63 12.04 6.87
C VAL B 302 -8.31 11.89 6.09
N ILE B 303 -8.30 10.99 5.12
CA ILE B 303 -7.13 10.80 4.26
C ILE B 303 -7.45 11.28 2.85
N VAL B 304 -6.64 12.19 2.32
CA VAL B 304 -6.83 12.72 0.96
C VAL B 304 -5.74 12.16 0.05
N ALA B 305 -6.14 11.57 -1.08
CA ALA B 305 -5.20 10.84 -1.93
C ALA B 305 -5.55 10.88 -3.41
N PRO B 306 -4.54 10.80 -4.27
CA PRO B 306 -4.80 10.55 -5.69
C PRO B 306 -5.31 9.13 -5.86
N ASN B 307 -5.73 8.81 -7.07
CA ASN B 307 -6.44 7.60 -7.37
C ASN B 307 -5.86 6.30 -6.80
N LEU B 308 -4.62 6.00 -7.18
CA LEU B 308 -4.00 4.75 -6.77
C LEU B 308 -3.75 4.68 -5.26
N ASN B 309 -3.14 5.73 -4.70
CA ASN B 309 -2.85 5.75 -3.27
C ASN B 309 -4.15 5.54 -2.49
N GLY B 310 -5.22 6.15 -2.98
CA GLY B 310 -6.52 6.05 -2.33
C GLY B 310 -7.06 4.64 -2.37
N ASP B 311 -6.88 3.98 -3.51
CA ASP B 311 -7.30 2.60 -3.72
C ASP B 311 -6.58 1.67 -2.74
N TYR B 312 -5.27 1.87 -2.60
CA TYR B 312 -4.46 0.99 -1.79
C TYR B 312 -4.77 1.18 -0.31
N ILE B 313 -4.86 2.43 0.15
CA ILE B 313 -4.97 2.72 1.59
C ILE B 313 -6.35 2.32 2.12
N SER B 314 -7.40 2.55 1.32
CA SER B 314 -8.75 2.19 1.73
C SER B 314 -8.89 0.68 1.85
N ASP B 315 -8.34 -0.05 0.88
CA ASP B 315 -8.29 -1.49 0.96
C ASP B 315 -7.55 -1.99 2.20
N ALA B 316 -6.38 -1.41 2.50
CA ALA B 316 -5.58 -1.83 3.64
C ALA B 316 -6.30 -1.55 4.95
N ALA B 317 -6.89 -0.37 5.08
CA ALA B 317 -7.67 -0.02 6.25
C ALA B 317 -8.86 -0.97 6.51
N SER B 318 -9.58 -1.35 5.46
CA SER B 318 -10.72 -2.28 5.58
C SER B 318 -10.29 -3.68 6.04
N ALA B 319 -9.11 -4.12 5.59
CA ALA B 319 -8.56 -5.39 6.02
C ALA B 319 -8.24 -5.39 7.51
N LEU B 320 -7.72 -4.26 7.99
CA LEU B 320 -7.33 -4.12 9.41
C LEU B 320 -8.53 -4.35 10.33
N VAL B 321 -9.68 -3.77 9.96
CA VAL B 321 -10.88 -3.84 10.81
C VAL B 321 -11.71 -5.10 10.50
N GLY B 322 -11.16 -6.01 9.70
CA GLY B 322 -11.89 -7.19 9.26
C GLY B 322 -13.19 -6.87 8.54
N GLY B 323 -13.20 -5.76 7.79
CA GLY B 323 -14.39 -5.32 7.10
C GLY B 323 -14.35 -5.39 5.59
N ILE B 324 -13.55 -6.32 5.04
CA ILE B 324 -13.33 -6.39 3.59
C ILE B 324 -14.66 -6.44 2.82
N GLY B 325 -15.54 -7.37 3.18
CA GLY B 325 -16.83 -7.46 2.54
C GLY B 325 -17.84 -6.38 2.95
N MET B 326 -17.50 -5.62 4.00
CA MET B 326 -18.44 -4.69 4.60
C MET B 326 -18.20 -3.23 4.19
N ALA B 327 -17.21 -3.04 3.32
CA ALA B 327 -16.76 -1.72 2.90
C ALA B 327 -17.83 -1.03 2.08
N ALA B 328 -18.17 0.17 2.49
CA ALA B 328 -19.16 0.99 1.79
C ALA B 328 -18.42 2.11 1.12
N GLY B 329 -19.03 2.68 0.07
CA GLY B 329 -18.40 3.73 -0.71
C GLY B 329 -19.40 4.72 -1.29
N MET B 330 -18.88 5.76 -1.93
CA MET B 330 -19.70 6.81 -2.52
C MET B 330 -18.87 7.61 -3.50
N ASN B 331 -19.45 7.87 -4.67
CA ASN B 331 -18.83 8.75 -5.65
C ASN B 331 -19.56 10.07 -5.71
N MET B 332 -18.82 11.15 -5.53
CA MET B 332 -19.41 12.47 -5.38
C MET B 332 -18.84 13.44 -6.41
N GLY B 333 -19.74 14.24 -6.99
CA GLY B 333 -19.37 15.38 -7.81
C GLY B 333 -19.71 16.68 -7.11
N ASP B 334 -20.07 17.70 -7.86
CA ASP B 334 -20.26 19.02 -7.28
C ASP B 334 -21.55 19.16 -6.45
N GLY B 335 -22.70 18.87 -7.04
CA GLY B 335 -23.92 18.86 -6.25
C GLY B 335 -24.57 17.50 -6.14
N ILE B 336 -23.78 16.46 -6.36
CA ILE B 336 -24.33 15.15 -6.72
C ILE B 336 -23.51 14.02 -6.10
N ALA B 337 -24.20 12.95 -5.68
CA ALA B 337 -23.51 11.77 -5.17
C ALA B 337 -24.24 10.48 -5.48
N VAL B 338 -23.45 9.41 -5.64
CA VAL B 338 -23.97 8.06 -5.81
C VAL B 338 -23.21 7.11 -4.87
N ALA B 339 -23.95 6.54 -3.91
CA ALA B 339 -23.36 5.63 -2.93
C ALA B 339 -23.54 4.19 -3.40
N GLU B 340 -22.52 3.37 -3.15
CA GLU B 340 -22.49 1.98 -3.59
C GLU B 340 -21.44 1.20 -2.77
N PRO B 341 -21.65 -0.11 -2.58
CA PRO B 341 -20.67 -0.98 -1.93
C PRO B 341 -19.40 -1.12 -2.74
N VAL B 342 -18.32 -1.46 -2.04
CA VAL B 342 -17.04 -1.70 -2.66
C VAL B 342 -17.06 -3.00 -3.48
N HIS B 343 -17.76 -4.01 -2.97
CA HIS B 343 -17.77 -5.34 -3.59
C HIS B 343 -18.52 -5.37 -4.92
N GLY B 344 -18.27 -6.43 -5.69
CA GLY B 344 -18.92 -6.64 -6.97
C GLY B 344 -20.25 -7.35 -6.87
N THR B 345 -20.66 -7.95 -7.98
CA THR B 345 -21.99 -8.56 -8.10
C THR B 345 -22.14 -9.91 -7.38
N ALA B 346 -21.01 -10.52 -7.03
CA ALA B 346 -20.98 -11.83 -6.37
C ALA B 346 -22.01 -12.82 -6.94
N PRO B 347 -21.71 -13.37 -8.11
CA PRO B 347 -22.67 -14.22 -8.83
C PRO B 347 -22.88 -15.59 -8.17
N LYS B 348 -22.12 -15.86 -7.10
CA LYS B 348 -22.16 -17.17 -6.42
C LYS B 348 -23.05 -17.15 -5.16
N TYR B 349 -23.48 -15.96 -4.75
CA TYR B 349 -24.37 -15.82 -3.59
C TYR B 349 -25.73 -15.19 -3.94
N ALA B 350 -25.86 -14.78 -5.21
CA ALA B 350 -27.06 -14.09 -5.71
C ALA B 350 -28.25 -15.03 -5.87
N GLY B 351 -29.37 -14.64 -5.25
CA GLY B 351 -30.57 -15.47 -5.20
C GLY B 351 -30.36 -16.63 -4.25
N LYS B 352 -29.36 -16.49 -3.38
CA LYS B 352 -28.98 -17.53 -2.44
C LYS B 352 -29.42 -17.21 -1.02
N ASP B 353 -29.71 -15.94 -0.75
CA ASP B 353 -30.11 -15.45 0.57
C ASP B 353 -29.02 -15.70 1.63
N LEU B 354 -27.76 -15.59 1.19
CA LEU B 354 -26.61 -15.86 2.06
C LEU B 354 -25.75 -14.62 2.29
N ILE B 355 -25.69 -13.76 1.28
CA ILE B 355 -24.78 -12.61 1.26
C ILE B 355 -25.01 -11.59 2.39
N ASN B 356 -23.94 -10.88 2.76
CA ASN B 356 -24.03 -9.77 3.70
C ASN B 356 -24.46 -8.46 3.01
N PRO B 357 -25.59 -7.89 3.45
CA PRO B 357 -26.06 -6.60 2.95
C PRO B 357 -25.45 -5.40 3.68
N SER B 358 -24.55 -5.64 4.64
CA SER B 358 -23.98 -4.57 5.46
C SER B 358 -23.40 -3.43 4.64
N ALA B 359 -22.60 -3.77 3.64
CA ALA B 359 -21.98 -2.80 2.72
C ALA B 359 -23.00 -1.88 2.07
N GLU B 360 -24.11 -2.47 1.60
CA GLU B 360 -25.15 -1.73 0.90
C GLU B 360 -25.95 -0.85 1.86
N ILE B 361 -26.10 -1.32 3.09
CA ILE B 361 -26.82 -0.59 4.12
C ILE B 361 -26.01 0.62 4.58
N LEU B 362 -24.71 0.41 4.78
CA LEU B 362 -23.82 1.47 5.22
C LEU B 362 -23.67 2.53 4.12
N SER B 363 -23.71 2.08 2.86
CA SER B 363 -23.69 2.98 1.72
C SER B 363 -24.89 3.92 1.73
N ALA B 364 -26.06 3.34 1.99
CA ALA B 364 -27.28 4.13 2.17
C ALA B 364 -27.12 5.11 3.32
N SER B 365 -26.49 4.63 4.41
CA SER B 365 -26.32 5.48 5.58
C SER B 365 -25.28 6.59 5.33
N LEU B 366 -24.26 6.27 4.54
CA LEU B 366 -23.27 7.26 4.10
C LEU B 366 -23.93 8.40 3.31
N LEU B 367 -24.67 8.07 2.26
CA LEU B 367 -25.38 9.06 1.45
C LEU B 367 -26.38 9.90 2.25
N ILE B 368 -27.25 9.23 2.99
CA ILE B 368 -28.37 9.90 3.66
C ILE B 368 -27.94 10.62 4.94
N GLY B 369 -27.09 9.98 5.75
CA GLY B 369 -26.63 10.53 7.00
C GLY B 369 -25.38 11.42 6.93
N GLU B 370 -24.45 11.10 6.04
CA GLU B 370 -23.16 11.79 6.01
C GLU B 370 -22.95 12.78 4.85
N PHE B 371 -23.95 12.91 3.98
CA PHE B 371 -23.84 13.80 2.81
C PHE B 371 -25.09 14.65 2.58
N MET B 372 -26.24 14.13 3.02
CA MET B 372 -27.48 14.90 3.02
C MET B 372 -27.64 15.68 4.34
N GLY B 373 -27.03 15.17 5.40
CA GLY B 373 -27.00 15.84 6.69
C GLY B 373 -27.77 15.16 7.81
N TRP B 374 -28.46 14.08 7.47
CA TRP B 374 -29.35 13.38 8.39
C TRP B 374 -28.59 12.51 9.41
N ARG B 375 -27.70 13.15 10.17
CA ARG B 375 -26.73 12.47 11.05
C ARG B 375 -27.33 11.36 11.92
N GLU B 376 -28.60 11.55 12.29
CA GLU B 376 -29.29 10.64 13.18
C GLU B 376 -29.58 9.27 12.56
N VAL B 377 -29.70 9.22 11.23
CA VAL B 377 -29.90 7.97 10.49
C VAL B 377 -28.62 7.10 10.55
N LYS B 378 -27.46 7.73 10.36
CA LYS B 378 -26.18 7.04 10.45
C LYS B 378 -25.97 6.48 11.87
N SER B 379 -26.31 7.30 12.87
CA SER B 379 -26.14 6.93 14.27
C SER B 379 -26.81 5.60 14.63
N ILE B 380 -28.05 5.44 14.17
CA ILE B 380 -28.84 4.25 14.52
C ILE B 380 -28.47 3.01 13.70
N VAL B 381 -28.41 3.21 12.38
CA VAL B 381 -28.03 2.14 11.46
C VAL B 381 -26.69 1.46 11.87
N GLU B 382 -25.75 2.29 12.35
CA GLU B 382 -24.47 1.80 12.84
C GLU B 382 -24.58 1.19 14.23
N TYR B 383 -25.52 1.69 15.02
CA TYR B 383 -25.79 1.14 16.34
C TYR B 383 -26.26 -0.31 16.17
N ALA B 384 -27.14 -0.53 15.20
CA ALA B 384 -27.75 -1.83 14.96
C ALA B 384 -26.72 -2.87 14.48
N ILE B 385 -25.91 -2.47 13.51
CA ILE B 385 -24.91 -3.35 12.90
C ILE B 385 -23.89 -3.80 13.94
N ARG B 386 -23.59 -2.87 14.88
CA ARG B 386 -22.68 -3.09 16.01
C ARG B 386 -23.37 -4.04 16.99
N LYS B 387 -24.67 -3.82 17.23
CA LYS B 387 -25.42 -4.68 18.14
C LYS B 387 -25.49 -6.09 17.55
N ALA B 388 -25.58 -6.16 16.16
CA ALA B 388 -25.75 -7.45 15.48
C ALA B 388 -24.51 -8.32 15.68
N VAL B 389 -23.36 -7.65 15.59
CA VAL B 389 -22.05 -8.26 15.73
C VAL B 389 -21.74 -8.63 17.19
N GLN B 390 -22.14 -7.76 18.12
CA GLN B 390 -21.99 -7.99 19.57
C GLN B 390 -22.68 -9.27 20.09
N SER B 391 -23.88 -9.52 19.60
CA SER B 391 -24.64 -10.71 20.02
C SER B 391 -24.54 -11.84 18.99
N LYS B 392 -23.56 -11.71 18.09
CA LYS B 392 -23.23 -12.74 17.08
C LYS B 392 -24.43 -13.19 16.21
N LYS B 393 -25.25 -12.22 15.79
CA LYS B 393 -26.36 -12.45 14.88
C LYS B 393 -26.05 -11.78 13.54
N VAL B 394 -25.27 -12.47 12.70
CA VAL B 394 -24.90 -11.96 11.38
C VAL B 394 -24.81 -13.08 10.35
N THR B 395 -24.52 -12.68 9.11
CA THR B 395 -24.45 -13.57 7.95
C THR B 395 -23.21 -14.47 7.95
N GLN B 396 -23.19 -15.44 7.05
CA GLN B 396 -22.15 -16.46 7.00
C GLN B 396 -20.70 -15.95 6.88
N ASP B 397 -20.49 -14.89 6.10
CA ASP B 397 -19.17 -14.29 5.90
C ASP B 397 -18.50 -13.85 7.22
N LEU B 398 -19.31 -13.42 8.19
CA LEU B 398 -18.84 -13.11 9.53
C LEU B 398 -18.93 -14.33 10.46
N ALA B 399 -20.08 -15.03 10.40
CA ALA B 399 -20.35 -16.19 11.26
C ALA B 399 -19.34 -17.34 11.11
N ARG B 400 -18.72 -17.45 9.93
CA ARG B 400 -17.67 -18.43 9.69
C ARG B 400 -16.41 -18.16 10.52
N HIS B 401 -16.27 -16.92 11.02
CA HIS B 401 -15.10 -16.51 11.78
C HIS B 401 -15.33 -16.51 13.29
N MET B 402 -16.54 -16.86 13.72
CA MET B 402 -16.87 -16.97 15.15
C MET B 402 -17.22 -18.41 15.52
N PRO B 403 -16.59 -18.93 16.58
CA PRO B 403 -16.75 -20.33 16.97
C PRO B 403 -18.19 -20.71 17.33
N GLY B 404 -18.72 -21.72 16.66
CA GLY B 404 -20.01 -22.30 16.97
C GLY B 404 -21.23 -21.43 16.73
N VAL B 405 -21.06 -20.41 15.89
CA VAL B 405 -22.14 -19.49 15.57
C VAL B 405 -22.88 -19.94 14.31
N GLN B 406 -24.21 -20.00 14.42
CA GLN B 406 -25.06 -20.30 13.29
C GLN B 406 -25.22 -19.03 12.44
N PRO B 407 -24.98 -19.16 11.13
CA PRO B 407 -25.22 -18.06 10.20
C PRO B 407 -26.69 -17.64 10.17
N LEU B 408 -26.90 -16.33 10.17
CA LEU B 408 -28.20 -15.74 9.95
C LEU B 408 -28.29 -15.35 8.48
N ARG B 409 -29.42 -15.67 7.84
CA ARG B 409 -29.61 -15.37 6.42
C ARG B 409 -29.66 -13.86 6.14
N THR B 410 -29.74 -13.47 4.87
CA THR B 410 -29.77 -12.05 4.49
C THR B 410 -31.06 -11.37 4.94
N SER B 411 -32.20 -11.98 4.61
CA SER B 411 -33.51 -11.45 4.97
C SER B 411 -33.72 -11.47 6.48
N GLU B 412 -32.98 -12.36 7.16
CA GLU B 412 -33.04 -12.46 8.61
C GLU B 412 -32.24 -11.32 9.23
N TYR B 413 -31.02 -11.13 8.75
CA TYR B 413 -30.15 -10.06 9.24
C TYR B 413 -30.79 -8.67 9.11
N THR B 414 -31.50 -8.42 8.01
CA THR B 414 -32.26 -7.17 7.82
C THR B 414 -33.29 -6.96 8.94
N GLU B 415 -34.18 -7.93 9.15
CA GLU B 415 -35.22 -7.84 10.17
C GLU B 415 -34.61 -7.76 11.58
N THR B 416 -33.48 -8.44 11.76
CA THR B 416 -32.69 -8.32 12.99
C THR B 416 -32.28 -6.86 13.22
N LEU B 417 -31.90 -6.22 12.09
CA LEU B 417 -31.39 -4.85 12.14
C LEU B 417 -32.47 -3.82 12.36
N ILE B 418 -33.58 -3.96 11.63
CA ILE B 418 -34.76 -3.11 11.85
C ILE B 418 -35.13 -3.16 13.36
N ALA B 419 -35.08 -4.37 13.92
CA ALA B 419 -35.52 -4.61 15.30
C ALA B 419 -34.69 -3.79 16.28
N TYR B 420 -33.38 -3.90 16.15
CA TYR B 420 -32.44 -3.10 16.93
C TYR B 420 -32.65 -1.59 16.79
N ILE B 421 -33.05 -1.16 15.59
CA ILE B 421 -33.35 0.25 15.31
C ILE B 421 -34.60 0.80 16.05
N ASP B 422 -35.72 0.08 15.97
CA ASP B 422 -36.97 0.55 16.56
C ASP B 422 -37.01 0.35 18.09
N GLU B 423 -36.45 -0.80 18.53
CA GLU B 423 -36.39 -1.16 19.95
C GLU B 423 -35.50 -0.24 20.78
N ALA B 424 -34.65 0.54 20.11
CA ALA B 424 -33.65 1.36 20.77
C ALA B 424 -34.22 2.62 21.44
N ASP B 425 -33.59 2.96 22.59
CA ASP B 425 -33.82 4.25 23.26
C ASP B 425 -32.94 5.31 22.61
N LEU B 426 -33.56 6.42 22.19
CA LEU B 426 -32.87 7.46 21.43
C LEU B 426 -32.06 8.45 22.30
N ASN B 427 -32.12 8.27 23.63
CA ASN B 427 -31.28 9.05 24.54
C ASN B 427 -29.89 8.44 24.69
N GLU B 428 -29.77 7.16 24.34
CA GLU B 428 -28.50 6.43 24.36
C GLU B 428 -27.90 6.32 22.96
N VAL B 429 -28.69 6.71 21.96
CA VAL B 429 -28.26 6.65 20.56
C VAL B 429 -27.81 8.02 20.05
N LEU B 430 -28.54 9.06 20.44
CA LEU B 430 -28.23 10.42 20.00
C LEU B 430 -27.83 11.32 21.18
N ALA B 431 -26.54 11.28 21.53
CA ALA B 431 -26.00 12.12 22.60
C ALA B 431 -24.86 13.02 22.11
N GLY B 432 -24.71 14.18 22.76
CA GLY B 432 -23.66 15.12 22.42
C GLY B 432 -23.88 15.81 21.07
#